data_3F2I
#
_entry.id   3F2I
#
_cell.length_a   65.099
_cell.length_b   94.329
_cell.length_c   92.062
_cell.angle_alpha   90.00
_cell.angle_beta   93.64
_cell.angle_gamma   90.00
#
_symmetry.space_group_name_H-M   'P 1 21 1'
#
loop_
_entity.id
_entity.type
_entity.pdbx_description
1 polymer 'Alr0221 protein'
2 non-polymer 'PHOSPHATE ION'
3 non-polymer 'CHLORIDE ION'
4 water water
#
_entity_poly.entity_id   1
_entity_poly.type   'polypeptide(L)'
_entity_poly.pdbx_seq_one_letter_code
;(MSE)ELYLIRHGIAEAQKTGIKDEERELTQEGKQKTEKVAYRLVKLGRQFDLIVTSPLIRARQTAEILLASGLSCQLEE
SNHLAPNGNIFNWLDYWLKPKNFPENAQIAIVGHEPCLSNWTEILLWGEAKDSLVLKKAG(MSE)IGLKLPEIGSPVGRS
Q(MSE)FWLTPPRYLLLEHHHHHH
;
_entity_poly.pdbx_strand_id   A,B,C,D,E,F
#
loop_
_chem_comp.id
_chem_comp.type
_chem_comp.name
_chem_comp.formula
CL non-polymer 'CHLORIDE ION' 'Cl -1'
PO4 non-polymer 'PHOSPHATE ION' 'O4 P -3'
#
# COMPACT_ATOMS: atom_id res chain seq x y z
N MSE A 1 -29.81 -23.91 20.50
CA MSE A 1 -30.15 -22.95 21.59
C MSE A 1 -29.94 -21.52 21.12
O MSE A 1 -29.37 -21.28 20.06
CB MSE A 1 -29.28 -23.21 22.81
CG MSE A 1 -27.80 -23.00 22.55
SE MSE A 1 -26.77 -23.12 24.16
CE MSE A 1 -27.16 -21.36 24.88
N GLU A 2 -30.38 -20.56 21.93
CA GLU A 2 -30.25 -19.15 21.61
C GLU A 2 -29.32 -18.43 22.57
N LEU A 3 -28.44 -17.60 22.01
CA LEU A 3 -27.49 -16.82 22.79
C LEU A 3 -27.79 -15.33 22.66
N TYR A 4 -27.91 -14.65 23.78
CA TYR A 4 -28.19 -13.22 23.79
C TYR A 4 -27.06 -12.42 24.42
N LEU A 5 -26.24 -11.80 23.58
CA LEU A 5 -25.10 -11.01 24.04
C LEU A 5 -25.49 -9.55 24.30
N ILE A 6 -25.31 -9.11 25.53
CA ILE A 6 -25.65 -7.76 25.96
C ILE A 6 -24.44 -6.99 26.49
N ARG A 7 -24.09 -5.90 25.82
CA ARG A 7 -22.98 -5.08 26.28
C ARG A 7 -23.45 -4.33 27.51
N HIS A 8 -22.54 -4.07 28.44
CA HIS A 8 -22.86 -3.36 29.68
C HIS A 8 -23.34 -1.94 29.42
N GLY A 9 -24.12 -1.39 30.36
CA GLY A 9 -24.63 -0.05 30.21
C GLY A 9 -23.58 1.03 30.40
N ILE A 10 -23.98 2.28 30.20
CA ILE A 10 -23.08 3.42 30.33
C ILE A 10 -22.47 3.49 31.73
N ALA A 11 -21.16 3.72 31.79
CA ALA A 11 -20.47 3.80 33.07
C ALA A 11 -19.65 5.07 33.17
N GLU A 12 -19.00 5.27 34.32
CA GLU A 12 -18.18 6.46 34.55
C GLU A 12 -17.05 6.55 33.51
N ALA A 13 -16.58 7.77 33.27
CA ALA A 13 -15.50 8.00 32.31
C ALA A 13 -14.15 7.59 32.91
N GLN A 14 -13.16 7.39 32.05
CA GLN A 14 -11.81 7.01 32.46
C GLN A 14 -11.17 8.07 33.36
N ILE A 18 -9.64 6.01 39.08
CA ILE A 18 -9.03 4.79 39.59
C ILE A 18 -9.04 3.65 38.55
N LYS A 19 -8.93 2.41 39.01
CA LYS A 19 -8.92 1.25 38.12
C LYS A 19 -10.18 1.23 37.27
N ASP A 20 -10.01 1.21 35.96
CA ASP A 20 -11.15 1.20 35.05
C ASP A 20 -12.03 -0.02 35.26
N GLU A 21 -11.50 -1.06 35.90
CA GLU A 21 -12.30 -2.27 36.15
C GLU A 21 -13.31 -2.02 37.25
N GLU A 22 -13.11 -0.93 37.99
CA GLU A 22 -14.02 -0.58 39.08
C GLU A 22 -15.04 0.49 38.69
N ARG A 23 -14.95 0.98 37.46
CA ARG A 23 -15.87 2.00 36.99
C ARG A 23 -17.30 1.45 37.05
N GLU A 24 -18.20 2.19 37.67
CA GLU A 24 -19.59 1.76 37.80
C GLU A 24 -20.52 2.51 36.86
N LEU A 25 -21.74 2.00 36.71
CA LEU A 25 -22.74 2.64 35.85
C LEU A 25 -23.06 4.04 36.35
N THR A 26 -23.41 4.91 35.42
CA THR A 26 -23.77 6.29 35.76
C THR A 26 -25.27 6.32 36.05
N GLN A 27 -25.76 7.44 36.56
CA GLN A 27 -27.18 7.57 36.87
C GLN A 27 -28.02 7.32 35.61
N GLU A 28 -27.56 7.83 34.48
CA GLU A 28 -28.28 7.65 33.23
C GLU A 28 -28.06 6.22 32.71
N GLY A 29 -26.94 5.63 33.08
CA GLY A 29 -26.63 4.28 32.65
C GLY A 29 -27.57 3.27 33.26
N LYS A 30 -27.85 3.44 34.55
CA LYS A 30 -28.75 2.54 35.26
C LYS A 30 -30.16 2.70 34.69
N GLN A 31 -30.56 3.95 34.45
CA GLN A 31 -31.88 4.25 33.91
C GLN A 31 -32.07 3.59 32.54
N LYS A 32 -31.18 3.91 31.61
CA LYS A 32 -31.24 3.36 30.27
C LYS A 32 -31.33 1.84 30.29
N THR A 33 -30.50 1.21 31.11
CA THR A 33 -30.51 -0.24 31.20
C THR A 33 -31.85 -0.77 31.68
N GLU A 34 -32.45 -0.05 32.63
CA GLU A 34 -33.76 -0.46 33.16
C GLU A 34 -34.79 -0.41 32.04
N LYS A 35 -34.78 0.67 31.25
CA LYS A 35 -35.71 0.82 30.13
C LYS A 35 -35.60 -0.38 29.20
N VAL A 36 -34.35 -0.75 28.88
CA VAL A 36 -34.08 -1.89 28.01
C VAL A 36 -34.63 -3.19 28.62
N ALA A 37 -34.35 -3.40 29.90
CA ALA A 37 -34.81 -4.59 30.60
C ALA A 37 -36.34 -4.69 30.55
N TYR A 38 -37.00 -3.60 30.92
CA TYR A 38 -38.45 -3.56 30.91
C TYR A 38 -38.97 -3.81 29.50
N ARG A 39 -38.27 -3.28 28.51
CA ARG A 39 -38.65 -3.45 27.11
C ARG A 39 -38.51 -4.93 26.74
N LEU A 40 -37.41 -5.56 27.18
CA LEU A 40 -37.18 -6.96 26.89
C LEU A 40 -38.27 -7.82 27.50
N VAL A 41 -38.81 -7.37 28.63
CA VAL A 41 -39.88 -8.08 29.30
C VAL A 41 -41.12 -8.07 28.40
N LYS A 42 -41.54 -6.87 27.99
CA LYS A 42 -42.70 -6.72 27.12
C LYS A 42 -42.57 -7.55 25.84
N LEU A 43 -41.34 -7.72 25.38
CA LEU A 43 -41.08 -8.49 24.17
C LEU A 43 -41.06 -9.98 24.46
N GLY A 44 -41.57 -10.35 25.63
CA GLY A 44 -41.62 -11.75 26.03
C GLY A 44 -40.30 -12.47 26.02
N ARG A 45 -39.25 -11.77 26.46
CA ARG A 45 -37.93 -12.38 26.50
C ARG A 45 -37.66 -12.97 27.88
N GLN A 46 -37.26 -14.24 27.91
CA GLN A 46 -36.95 -14.92 29.15
C GLN A 46 -35.59 -15.59 29.03
N PHE A 47 -34.81 -15.55 30.11
CA PHE A 47 -33.49 -16.15 30.12
C PHE A 47 -33.37 -17.18 31.23
N ASP A 48 -32.96 -18.38 30.87
CA ASP A 48 -32.78 -19.45 31.84
C ASP A 48 -31.65 -19.07 32.80
N LEU A 49 -30.72 -18.26 32.30
CA LEU A 49 -29.58 -17.80 33.09
C LEU A 49 -28.90 -16.58 32.49
N ILE A 50 -28.43 -15.70 33.36
CA ILE A 50 -27.72 -14.50 32.96
C ILE A 50 -26.27 -14.62 33.43
N VAL A 51 -25.35 -14.75 32.49
CA VAL A 51 -23.92 -14.88 32.80
C VAL A 51 -23.24 -13.56 32.50
N THR A 52 -22.61 -12.96 33.50
CA THR A 52 -21.97 -11.66 33.32
C THR A 52 -20.47 -11.63 33.65
N SER A 53 -19.80 -10.62 33.13
CA SER A 53 -18.38 -10.41 33.37
C SER A 53 -18.27 -9.95 34.82
N PRO A 54 -17.15 -10.28 35.49
CA PRO A 54 -16.91 -9.90 36.89
C PRO A 54 -16.77 -8.39 37.11
N LEU A 55 -16.37 -7.67 36.08
CA LEU A 55 -16.21 -6.22 36.17
C LEU A 55 -17.51 -5.57 36.63
N ILE A 56 -17.41 -4.55 37.46
CA ILE A 56 -18.55 -3.84 38.00
C ILE A 56 -19.56 -3.39 36.94
N ARG A 57 -19.06 -2.84 35.83
CA ARG A 57 -19.92 -2.38 34.75
C ARG A 57 -20.89 -3.48 34.33
N ALA A 58 -20.37 -4.66 34.05
CA ALA A 58 -21.18 -5.78 33.61
C ALA A 58 -22.14 -6.29 34.68
N ARG A 59 -21.60 -6.60 35.85
CA ARG A 59 -22.39 -7.11 36.97
C ARG A 59 -23.58 -6.20 37.30
N GLN A 60 -23.36 -4.89 37.39
CA GLN A 60 -24.44 -3.96 37.71
C GLN A 60 -25.52 -4.00 36.63
N THR A 61 -25.10 -4.21 35.38
CA THR A 61 -26.02 -4.28 34.26
C THR A 61 -26.78 -5.59 34.31
N ALA A 62 -26.09 -6.64 34.72
CA ALA A 62 -26.70 -7.97 34.82
C ALA A 62 -27.67 -8.06 36.00
N GLU A 63 -27.41 -7.29 37.05
CA GLU A 63 -28.28 -7.28 38.23
C GLU A 63 -29.59 -6.58 37.90
N ILE A 64 -29.51 -5.53 37.07
CA ILE A 64 -30.70 -4.79 36.64
C ILE A 64 -31.57 -5.69 35.78
N LEU A 65 -30.92 -6.53 34.97
CA LEU A 65 -31.65 -7.45 34.12
C LEU A 65 -32.30 -8.54 34.98
N LEU A 66 -31.60 -8.98 36.00
CA LEU A 66 -32.12 -10.00 36.89
C LEU A 66 -33.31 -9.46 37.68
N ALA A 67 -33.17 -8.23 38.18
CA ALA A 67 -34.23 -7.60 38.96
C ALA A 67 -35.49 -7.37 38.14
N SER A 68 -35.33 -6.99 36.87
CA SER A 68 -36.46 -6.74 35.99
C SER A 68 -37.33 -7.98 35.83
N GLY A 69 -36.84 -9.11 36.33
CA GLY A 69 -37.60 -10.34 36.23
C GLY A 69 -37.28 -11.09 34.95
N LEU A 70 -36.28 -10.60 34.22
CA LEU A 70 -35.87 -11.22 32.96
C LEU A 70 -35.38 -12.64 33.21
N SER A 71 -34.88 -12.91 34.40
CA SER A 71 -34.39 -14.22 34.77
C SER A 71 -34.38 -14.39 36.28
N CYS A 72 -34.12 -15.61 36.73
CA CYS A 72 -34.07 -15.91 38.15
C CYS A 72 -32.65 -16.26 38.60
N GLN A 73 -31.80 -16.63 37.64
CA GLN A 73 -30.42 -17.00 37.94
C GLN A 73 -29.41 -16.01 37.37
N LEU A 74 -28.37 -15.73 38.15
CA LEU A 74 -27.31 -14.82 37.74
C LEU A 74 -25.95 -15.40 38.10
N GLU A 75 -25.22 -15.83 37.07
CA GLU A 75 -23.90 -16.40 37.24
C GLU A 75 -22.86 -15.52 36.56
N GLU A 76 -21.60 -15.64 36.98
CA GLU A 76 -20.54 -14.84 36.37
C GLU A 76 -19.31 -15.67 36.08
N SER A 77 -18.67 -15.41 34.94
CA SER A 77 -17.46 -16.13 34.55
C SER A 77 -16.37 -15.16 34.11
N ASN A 78 -15.13 -15.47 34.46
CA ASN A 78 -13.99 -14.64 34.10
C ASN A 78 -13.77 -14.67 32.58
N HIS A 79 -14.31 -15.68 31.91
CA HIS A 79 -14.18 -15.79 30.46
C HIS A 79 -14.79 -14.60 29.75
N LEU A 80 -15.76 -13.96 30.39
CA LEU A 80 -16.46 -12.79 29.85
C LEU A 80 -15.69 -11.51 30.15
N ALA A 81 -14.61 -11.64 30.92
CA ALA A 81 -13.79 -10.49 31.25
C ALA A 81 -13.09 -10.04 29.96
N PRO A 82 -12.66 -8.78 29.90
CA PRO A 82 -11.98 -8.23 28.71
C PRO A 82 -10.82 -9.07 28.19
N ASN A 83 -10.25 -9.92 29.03
CA ASN A 83 -9.13 -10.75 28.61
C ASN A 83 -9.42 -12.24 28.49
N GLY A 84 -10.69 -12.60 28.32
CA GLY A 84 -11.03 -14.01 28.19
C GLY A 84 -11.01 -14.42 26.73
N ASN A 85 -11.12 -15.71 26.44
CA ASN A 85 -11.13 -16.11 25.04
C ASN A 85 -12.30 -17.05 24.79
N ILE A 86 -12.96 -16.84 23.66
CA ILE A 86 -14.13 -17.61 23.27
C ILE A 86 -13.98 -19.13 23.36
N PHE A 87 -12.82 -19.63 22.93
CA PHE A 87 -12.57 -21.07 22.93
C PHE A 87 -12.56 -21.72 24.32
N ASN A 88 -12.03 -21.03 25.32
CA ASN A 88 -12.02 -21.57 26.67
C ASN A 88 -13.41 -21.48 27.28
N TRP A 89 -14.13 -20.42 26.92
CA TRP A 89 -15.50 -20.24 27.42
C TRP A 89 -16.39 -21.35 26.87
N LEU A 90 -16.19 -21.67 25.59
CA LEU A 90 -16.98 -22.72 24.94
C LEU A 90 -16.71 -24.12 25.48
N ASP A 91 -15.47 -24.40 25.84
CA ASP A 91 -15.11 -25.72 26.35
C ASP A 91 -15.27 -25.90 27.84
N TYR A 92 -14.98 -24.85 28.61
CA TYR A 92 -15.05 -24.95 30.06
C TYR A 92 -16.27 -24.31 30.70
N TRP A 93 -17.21 -23.85 29.89
CA TRP A 93 -18.41 -23.23 30.44
C TRP A 93 -19.68 -23.65 29.70
N LEU A 94 -19.74 -23.33 28.40
CA LEU A 94 -20.90 -23.66 27.60
C LEU A 94 -21.10 -25.17 27.46
N LYS A 95 -20.08 -25.88 26.99
CA LYS A 95 -20.17 -27.33 26.82
C LYS A 95 -20.60 -28.01 28.11
N PRO A 96 -19.95 -27.69 29.24
CA PRO A 96 -20.29 -28.29 30.53
C PRO A 96 -21.77 -28.13 30.87
N LYS A 97 -22.27 -26.90 30.77
CA LYS A 97 -23.67 -26.61 31.06
C LYS A 97 -24.61 -27.58 30.36
N ASN A 98 -24.26 -27.94 29.13
CA ASN A 98 -25.06 -28.86 28.34
C ASN A 98 -26.52 -28.42 28.29
N PHE A 99 -26.75 -27.16 27.90
CA PHE A 99 -28.09 -26.60 27.81
C PHE A 99 -28.92 -27.28 26.73
N PRO A 100 -30.27 -27.28 26.88
CA PRO A 100 -31.16 -27.91 25.90
C PRO A 100 -31.17 -27.07 24.61
N GLU A 101 -31.47 -27.71 23.49
CA GLU A 101 -31.49 -27.01 22.22
C GLU A 101 -32.53 -25.90 22.19
N ASN A 102 -33.34 -25.81 23.24
CA ASN A 102 -34.38 -24.80 23.35
C ASN A 102 -34.01 -23.77 24.43
N ALA A 103 -32.77 -23.83 24.90
CA ALA A 103 -32.31 -22.92 25.93
C ALA A 103 -32.10 -21.50 25.39
N GLN A 104 -32.21 -20.52 26.28
CA GLN A 104 -32.02 -19.12 25.95
C GLN A 104 -31.19 -18.49 27.06
N ILE A 105 -29.90 -18.31 26.78
CA ILE A 105 -28.98 -17.76 27.76
C ILE A 105 -28.54 -16.34 27.42
N ALA A 106 -28.44 -15.50 28.44
CA ALA A 106 -28.01 -14.12 28.25
C ALA A 106 -26.59 -13.92 28.76
N ILE A 107 -25.77 -13.23 27.99
CA ILE A 107 -24.39 -12.94 28.37
C ILE A 107 -24.20 -11.42 28.43
N VAL A 108 -23.69 -10.93 29.56
CA VAL A 108 -23.44 -9.52 29.75
C VAL A 108 -21.93 -9.28 29.76
N GLY A 109 -21.42 -8.67 28.70
CA GLY A 109 -19.99 -8.44 28.61
C GLY A 109 -19.50 -7.11 28.10
N HIS A 110 -18.34 -7.15 27.44
CA HIS A 110 -17.68 -5.96 26.92
C HIS A 110 -17.35 -6.07 25.44
N GLU A 111 -16.98 -4.93 24.84
CA GLU A 111 -16.57 -4.87 23.45
C GLU A 111 -15.03 -4.75 23.47
N PRO A 112 -14.35 -5.23 22.42
CA PRO A 112 -14.93 -5.86 21.23
C PRO A 112 -15.20 -7.35 21.40
N CYS A 113 -15.05 -7.85 22.62
CA CYS A 113 -15.26 -9.27 22.89
C CYS A 113 -16.57 -9.81 22.31
N LEU A 114 -17.68 -9.21 22.71
CA LEU A 114 -19.00 -9.66 22.25
C LEU A 114 -19.16 -9.64 20.73
N SER A 115 -18.77 -8.54 20.11
CA SER A 115 -18.87 -8.42 18.65
C SER A 115 -17.96 -9.40 17.93
N ASN A 116 -16.71 -9.51 18.38
CA ASN A 116 -15.76 -10.41 17.75
C ASN A 116 -16.17 -11.87 18.00
N TRP A 117 -16.62 -12.18 19.20
CA TRP A 117 -17.06 -13.55 19.49
C TRP A 117 -18.19 -13.91 18.53
N THR A 118 -19.11 -12.97 18.31
CA THR A 118 -20.21 -13.19 17.40
C THR A 118 -19.68 -13.48 16.00
N GLU A 119 -18.73 -12.68 15.55
CA GLU A 119 -18.16 -12.89 14.21
C GLU A 119 -17.48 -14.24 14.09
N ILE A 120 -16.83 -14.66 15.18
CA ILE A 120 -16.17 -15.97 15.17
C ILE A 120 -17.24 -17.04 15.05
N LEU A 121 -18.33 -16.92 15.81
CA LEU A 121 -19.41 -17.90 15.75
C LEU A 121 -20.13 -17.93 14.39
N LEU A 122 -20.20 -16.77 13.74
CA LEU A 122 -20.87 -16.68 12.44
C LEU A 122 -19.96 -16.99 11.27
N TRP A 123 -18.77 -16.40 11.24
CA TRP A 123 -17.86 -16.59 10.12
C TRP A 123 -16.57 -17.35 10.41
N GLY A 124 -16.29 -17.63 11.68
CA GLY A 124 -15.08 -18.36 12.01
C GLY A 124 -13.88 -17.51 12.41
N GLU A 125 -14.01 -16.18 12.26
CA GLU A 125 -12.92 -15.28 12.61
C GLU A 125 -13.48 -13.87 12.87
N ALA A 126 -12.78 -13.10 13.68
CA ALA A 126 -13.20 -11.74 14.01
C ALA A 126 -12.98 -10.83 12.79
N LYS A 127 -13.81 -9.80 12.64
CA LYS A 127 -13.68 -8.91 11.48
C LYS A 127 -13.88 -7.44 11.87
N ASP A 128 -14.51 -7.19 13.02
CA ASP A 128 -14.78 -5.84 13.48
C ASP A 128 -15.79 -5.13 12.56
N SER A 129 -16.84 -5.83 12.17
CA SER A 129 -17.84 -5.25 11.27
C SER A 129 -19.16 -4.93 11.97
N LEU A 130 -19.27 -5.26 13.25
CA LEU A 130 -20.51 -5.00 13.96
C LEU A 130 -20.40 -3.90 14.98
N VAL A 131 -21.46 -3.09 15.06
CA VAL A 131 -21.52 -2.01 16.01
C VAL A 131 -22.45 -2.40 17.16
N LEU A 132 -21.88 -2.61 18.34
CA LEU A 132 -22.66 -2.98 19.51
C LEU A 132 -22.54 -1.87 20.55
N LYS A 133 -23.64 -1.16 20.74
CA LYS A 133 -23.69 -0.06 21.69
C LYS A 133 -23.86 -0.58 23.12
N LYS A 134 -23.65 0.30 24.09
CA LYS A 134 -23.79 -0.07 25.49
C LYS A 134 -25.27 -0.33 25.76
N ALA A 135 -25.57 -1.43 26.44
CA ALA A 135 -26.95 -1.83 26.72
C ALA A 135 -27.57 -2.33 25.44
N GLY A 136 -26.74 -2.45 24.40
CA GLY A 136 -27.20 -2.94 23.12
C GLY A 136 -27.21 -4.45 23.20
N MSE A 137 -27.85 -5.11 22.24
CA MSE A 137 -27.95 -6.56 22.28
C MSE A 137 -27.87 -7.25 20.92
O MSE A 137 -28.27 -6.70 19.88
CB MSE A 137 -29.25 -6.95 22.98
CG MSE A 137 -29.53 -8.45 23.11
SE MSE A 137 -31.18 -8.64 24.12
CE MSE A 137 -30.66 -10.05 25.33
N ILE A 138 -27.34 -8.46 20.96
CA ILE A 138 -27.18 -9.31 19.79
C ILE A 138 -27.82 -10.67 20.07
N GLY A 139 -28.61 -11.17 19.12
CA GLY A 139 -29.27 -12.45 19.27
C GLY A 139 -28.73 -13.51 18.32
N LEU A 140 -28.21 -14.60 18.86
CA LEU A 140 -27.65 -15.67 18.04
C LEU A 140 -28.34 -17.01 18.24
N LYS A 141 -28.28 -17.83 17.20
CA LYS A 141 -28.86 -19.16 17.24
C LYS A 141 -27.71 -20.14 17.00
N LEU A 142 -27.47 -21.03 17.96
CA LEU A 142 -26.40 -22.01 17.84
C LEU A 142 -26.97 -23.39 17.50
N PRO A 143 -26.32 -24.12 16.58
CA PRO A 143 -26.79 -25.46 16.19
C PRO A 143 -26.67 -26.43 17.36
N GLU A 144 -27.64 -27.31 17.54
CA GLU A 144 -27.56 -28.26 18.66
C GLU A 144 -26.57 -29.38 18.38
N ILE A 145 -25.99 -29.37 17.19
CA ILE A 145 -25.02 -30.40 16.82
C ILE A 145 -23.72 -29.81 16.29
N GLY A 146 -22.59 -30.30 16.82
CA GLY A 146 -21.30 -29.83 16.39
C GLY A 146 -20.85 -28.53 17.05
N SER A 147 -19.71 -28.01 16.61
CA SER A 147 -19.19 -26.76 17.16
C SER A 147 -19.91 -25.56 16.55
N PRO A 148 -20.23 -24.55 17.37
CA PRO A 148 -20.91 -23.34 16.90
C PRO A 148 -19.96 -22.37 16.19
N VAL A 149 -18.66 -22.66 16.24
CA VAL A 149 -17.67 -21.81 15.59
C VAL A 149 -17.91 -21.82 14.09
N GLY A 150 -18.10 -20.63 13.51
CA GLY A 150 -18.33 -20.50 12.09
C GLY A 150 -19.56 -21.25 11.59
N ARG A 151 -20.46 -21.60 12.49
CA ARG A 151 -21.66 -22.36 12.12
C ARG A 151 -22.95 -21.83 12.75
N SER A 152 -22.88 -20.68 13.41
CA SER A 152 -24.05 -20.11 14.05
C SER A 152 -24.79 -19.13 13.14
N GLN A 153 -25.91 -18.62 13.63
CA GLN A 153 -26.71 -17.65 12.88
C GLN A 153 -27.15 -16.51 13.76
N MSE A 154 -27.13 -15.30 13.21
CA MSE A 154 -27.55 -14.12 13.95
C MSE A 154 -28.93 -13.74 13.45
O MSE A 154 -29.18 -13.73 12.24
CB MSE A 154 -26.58 -12.95 13.71
CG MSE A 154 -26.86 -11.73 14.60
SE MSE A 154 -25.58 -10.27 14.34
CE MSE A 154 -24.61 -10.29 15.97
N PHE A 155 -29.84 -13.43 14.37
CA PHE A 155 -31.19 -13.06 13.97
C PHE A 155 -31.62 -11.73 14.58
N TRP A 156 -30.73 -11.11 15.34
CA TRP A 156 -31.06 -9.84 15.98
C TRP A 156 -29.82 -9.05 16.43
N LEU A 157 -29.85 -7.74 16.19
CA LEU A 157 -28.76 -6.85 16.60
C LEU A 157 -29.39 -5.47 16.69
N THR A 158 -29.44 -4.93 17.90
CA THR A 158 -30.05 -3.62 18.05
C THR A 158 -29.45 -2.80 19.18
N PRO A 159 -29.46 -1.47 19.03
CA PRO A 159 -28.94 -0.59 20.07
C PRO A 159 -30.16 -0.22 20.92
N PRO A 160 -29.95 0.39 22.09
CA PRO A 160 -31.08 0.76 22.96
C PRO A 160 -32.12 1.65 22.28
N ARG A 161 -31.65 2.66 21.55
CA ARG A 161 -32.55 3.60 20.89
C ARG A 161 -33.64 2.99 20.01
N TYR A 162 -33.34 1.87 19.34
CA TYR A 162 -34.35 1.26 18.47
C TYR A 162 -35.25 0.28 19.22
N LEU A 163 -35.02 0.16 20.53
CA LEU A 163 -35.84 -0.73 21.36
C LEU A 163 -37.01 0.03 21.95
N LEU A 164 -36.92 1.35 21.95
CA LEU A 164 -37.99 2.20 22.48
C LEU A 164 -39.21 2.22 21.59
N LEU A 165 -40.31 2.73 22.10
CA LEU A 165 -41.55 2.79 21.33
C LEU A 165 -41.60 4.06 20.48
N MSE B 1 -22.42 6.55 4.45
CA MSE B 1 -23.90 6.61 4.25
C MSE B 1 -24.55 5.40 4.89
O MSE B 1 -23.88 4.42 5.24
CB MSE B 1 -24.23 6.63 2.75
CG MSE B 1 -23.87 5.34 2.02
SE MSE B 1 -24.66 5.22 0.25
CE MSE B 1 -26.32 4.32 0.71
N GLU B 2 -25.87 5.47 5.03
CA GLU B 2 -26.60 4.36 5.62
C GLU B 2 -27.42 3.60 4.59
N LEU B 3 -27.28 2.28 4.61
CA LEU B 3 -28.02 1.44 3.68
C LEU B 3 -28.94 0.55 4.50
N TYR B 4 -30.21 0.56 4.15
CA TYR B 4 -31.19 -0.25 4.83
C TYR B 4 -31.69 -1.33 3.89
N LEU B 5 -31.58 -2.59 4.30
CA LEU B 5 -32.04 -3.69 3.48
C LEU B 5 -33.29 -4.30 4.10
N ILE B 6 -34.40 -4.20 3.34
CA ILE B 6 -35.70 -4.69 3.77
C ILE B 6 -36.24 -5.82 2.89
N ARG B 7 -36.53 -6.95 3.50
CA ARG B 7 -37.07 -8.09 2.74
C ARG B 7 -38.56 -7.83 2.56
N HIS B 8 -39.09 -8.19 1.38
CA HIS B 8 -40.50 -8.00 1.08
C HIS B 8 -41.37 -8.73 2.11
N GLY B 9 -42.61 -8.27 2.29
CA GLY B 9 -43.52 -8.89 3.24
C GLY B 9 -44.08 -10.23 2.77
N ILE B 10 -44.78 -10.93 3.65
CA ILE B 10 -45.37 -12.23 3.32
C ILE B 10 -46.30 -12.20 2.12
N ALA B 11 -45.98 -13.01 1.11
CA ALA B 11 -46.78 -13.07 -0.12
C ALA B 11 -47.50 -14.41 -0.23
N GLU B 12 -48.45 -14.49 -1.14
CA GLU B 12 -49.21 -15.71 -1.36
C GLU B 12 -48.29 -16.85 -1.80
N ALA B 13 -48.76 -18.08 -1.64
CA ALA B 13 -47.98 -19.27 -2.03
C ALA B 13 -48.19 -19.56 -3.51
N GLN B 14 -47.77 -20.74 -3.96
CA GLN B 14 -47.91 -21.12 -5.36
C GLN B 14 -49.19 -21.91 -5.60
N LYS B 19 -46.18 -17.40 -12.66
CA LYS B 19 -44.84 -17.37 -12.09
C LYS B 19 -44.82 -16.73 -10.72
N ASP B 20 -43.81 -17.06 -9.92
CA ASP B 20 -43.71 -16.51 -8.57
C ASP B 20 -43.47 -15.00 -8.61
N GLU B 21 -42.98 -14.48 -9.73
CA GLU B 21 -42.74 -13.05 -9.84
C GLU B 21 -44.01 -12.24 -9.66
N GLU B 22 -45.16 -12.89 -9.78
CA GLU B 22 -46.42 -12.17 -9.65
C GLU B 22 -47.16 -12.41 -8.33
N ARG B 23 -46.56 -13.19 -7.42
CA ARG B 23 -47.19 -13.45 -6.14
C ARG B 23 -47.31 -12.14 -5.35
N GLU B 24 -48.54 -11.79 -4.96
CA GLU B 24 -48.78 -10.56 -4.23
C GLU B 24 -48.82 -10.74 -2.72
N LEU B 25 -48.69 -9.64 -1.99
CA LEU B 25 -48.72 -9.70 -0.54
C LEU B 25 -50.10 -10.16 -0.07
N THR B 26 -50.13 -10.96 0.99
CA THR B 26 -51.38 -11.45 1.53
C THR B 26 -51.81 -10.43 2.58
N GLN B 27 -53.00 -10.65 3.13
CA GLN B 27 -53.56 -9.78 4.16
C GLN B 27 -52.60 -9.60 5.34
N GLU B 28 -52.13 -10.71 5.90
CA GLU B 28 -51.22 -10.62 7.05
C GLU B 28 -49.90 -10.00 6.62
N GLY B 29 -49.52 -10.21 5.37
CA GLY B 29 -48.28 -9.66 4.86
C GLY B 29 -48.35 -8.14 4.83
N LYS B 30 -49.50 -7.61 4.38
CA LYS B 30 -49.67 -6.17 4.31
C LYS B 30 -49.76 -5.61 5.73
N GLN B 31 -50.53 -6.28 6.59
CA GLN B 31 -50.67 -5.84 7.97
C GLN B 31 -49.34 -5.78 8.69
N LYS B 32 -48.58 -6.87 8.65
CA LYS B 32 -47.29 -6.90 9.33
C LYS B 32 -46.37 -5.82 8.80
N THR B 33 -46.30 -5.67 7.48
CA THR B 33 -45.45 -4.65 6.87
C THR B 33 -45.89 -3.25 7.34
N GLU B 34 -47.20 -3.02 7.39
CA GLU B 34 -47.73 -1.73 7.83
C GLU B 34 -47.29 -1.42 9.26
N LYS B 35 -47.28 -2.44 10.11
CA LYS B 35 -46.86 -2.29 11.49
C LYS B 35 -45.39 -1.90 11.57
N VAL B 36 -44.59 -2.51 10.70
CA VAL B 36 -43.16 -2.21 10.67
C VAL B 36 -42.94 -0.76 10.28
N ALA B 37 -43.58 -0.36 9.18
CA ALA B 37 -43.46 1.01 8.68
C ALA B 37 -43.90 2.02 9.75
N TYR B 38 -44.99 1.71 10.42
CA TYR B 38 -45.52 2.57 11.47
C TYR B 38 -44.52 2.74 12.60
N ARG B 39 -43.89 1.64 13.02
CA ARG B 39 -42.91 1.69 14.09
C ARG B 39 -41.68 2.49 13.67
N LEU B 40 -41.27 2.32 12.41
CA LEU B 40 -40.12 3.04 11.90
C LEU B 40 -40.38 4.53 11.91
N VAL B 41 -41.56 4.93 11.42
CA VAL B 41 -41.92 6.34 11.40
C VAL B 41 -41.98 6.86 12.83
N LYS B 42 -42.53 6.04 13.73
CA LYS B 42 -42.65 6.40 15.13
C LYS B 42 -41.26 6.65 15.73
N LEU B 43 -40.27 5.90 15.26
CA LEU B 43 -38.90 6.05 15.73
C LEU B 43 -38.24 7.28 15.11
N GLY B 44 -38.89 7.85 14.10
CA GLY B 44 -38.34 9.02 13.44
C GLY B 44 -37.43 8.69 12.28
N ARG B 45 -37.51 7.47 11.76
CA ARG B 45 -36.69 7.04 10.63
C ARG B 45 -37.24 7.61 9.31
N GLN B 46 -36.37 7.80 8.32
CA GLN B 46 -36.80 8.29 7.02
C GLN B 46 -35.73 7.91 6.01
N PHE B 47 -36.14 7.74 4.76
CA PHE B 47 -35.20 7.37 3.72
C PHE B 47 -35.28 8.42 2.61
N ASP B 48 -34.12 8.80 2.09
CA ASP B 48 -34.10 9.77 0.99
C ASP B 48 -34.73 9.14 -0.23
N LEU B 49 -34.51 7.83 -0.36
CA LEU B 49 -35.00 7.08 -1.49
C LEU B 49 -35.24 5.62 -1.15
N ILE B 50 -36.26 5.04 -1.75
CA ILE B 50 -36.54 3.63 -1.56
C ILE B 50 -36.40 3.00 -2.94
N VAL B 51 -35.55 1.99 -3.03
CA VAL B 51 -35.31 1.27 -4.29
C VAL B 51 -35.87 -0.14 -4.10
N THR B 52 -36.60 -0.63 -5.10
CA THR B 52 -37.19 -1.96 -4.97
C THR B 52 -37.02 -2.88 -6.16
N SER B 53 -37.06 -4.18 -5.86
CA SER B 53 -36.98 -5.22 -6.86
C SER B 53 -38.26 -4.99 -7.66
N PRO B 54 -38.28 -5.35 -8.94
CA PRO B 54 -39.46 -5.19 -9.81
C PRO B 54 -40.57 -6.18 -9.50
N LEU B 55 -40.24 -7.26 -8.80
CA LEU B 55 -41.27 -8.25 -8.46
C LEU B 55 -42.37 -7.64 -7.60
N ILE B 56 -43.61 -7.97 -7.92
CA ILE B 56 -44.78 -7.45 -7.21
C ILE B 56 -44.64 -7.46 -5.69
N ARG B 57 -44.20 -8.59 -5.15
CA ARG B 57 -43.99 -8.76 -3.71
C ARG B 57 -43.25 -7.57 -3.11
N ALA B 58 -42.11 -7.23 -3.71
CA ALA B 58 -41.28 -6.15 -3.23
C ALA B 58 -41.92 -4.79 -3.45
N ARG B 59 -42.41 -4.57 -4.66
CA ARG B 59 -43.04 -3.30 -4.98
C ARG B 59 -44.15 -2.98 -3.98
N GLN B 60 -45.02 -3.95 -3.69
CA GLN B 60 -46.09 -3.71 -2.74
C GLN B 60 -45.56 -3.39 -1.35
N THR B 61 -44.40 -3.95 -1.00
CA THR B 61 -43.81 -3.68 0.31
C THR B 61 -43.35 -2.23 0.30
N ALA B 62 -42.68 -1.83 -0.78
CA ALA B 62 -42.16 -0.48 -0.95
C ALA B 62 -43.29 0.56 -0.91
N GLU B 63 -44.43 0.24 -1.49
CA GLU B 63 -45.57 1.14 -1.51
C GLU B 63 -46.07 1.40 -0.08
N ILE B 64 -46.13 0.36 0.74
CA ILE B 64 -46.56 0.46 2.12
C ILE B 64 -45.60 1.40 2.89
N LEU B 65 -44.30 1.25 2.64
CA LEU B 65 -43.30 2.07 3.31
C LEU B 65 -43.51 3.54 2.92
N LEU B 66 -43.77 3.79 1.63
CA LEU B 66 -44.01 5.15 1.14
C LEU B 66 -45.28 5.74 1.77
N ALA B 67 -46.36 4.95 1.77
CA ALA B 67 -47.64 5.39 2.32
C ALA B 67 -47.55 5.79 3.80
N SER B 68 -46.56 5.25 4.51
CA SER B 68 -46.38 5.58 5.92
C SER B 68 -45.62 6.89 6.08
N GLY B 69 -45.05 7.39 4.99
CA GLY B 69 -44.31 8.64 5.05
C GLY B 69 -42.82 8.48 5.24
N LEU B 70 -42.34 7.24 5.20
CA LEU B 70 -40.91 6.97 5.39
C LEU B 70 -40.05 7.62 4.31
N SER B 71 -40.61 7.81 3.11
CA SER B 71 -39.90 8.42 2.00
C SER B 71 -40.90 8.98 0.99
N CYS B 72 -40.41 9.80 0.05
CA CYS B 72 -41.25 10.38 -0.98
C CYS B 72 -40.75 10.09 -2.38
N GLN B 73 -39.68 9.30 -2.46
CA GLN B 73 -39.11 8.94 -3.75
C GLN B 73 -39.00 7.41 -3.84
N LEU B 74 -39.25 6.89 -5.04
CA LEU B 74 -39.22 5.46 -5.30
C LEU B 74 -38.56 5.12 -6.63
N GLU B 75 -37.78 4.05 -6.63
CA GLU B 75 -37.12 3.65 -7.86
C GLU B 75 -37.08 2.13 -7.89
N GLU B 76 -37.28 1.54 -9.07
CA GLU B 76 -37.18 0.10 -9.16
C GLU B 76 -35.91 -0.23 -9.92
N SER B 77 -35.21 -1.26 -9.44
CA SER B 77 -33.95 -1.68 -10.03
C SER B 77 -33.89 -3.19 -10.17
N ASN B 78 -33.54 -3.65 -11.36
CA ASN B 78 -33.43 -5.07 -11.66
C ASN B 78 -32.31 -5.70 -10.84
N HIS B 79 -31.40 -4.86 -10.34
CA HIS B 79 -30.29 -5.35 -9.53
C HIS B 79 -30.80 -6.03 -8.26
N LEU B 80 -31.95 -5.58 -7.77
CA LEU B 80 -32.54 -6.13 -6.55
C LEU B 80 -33.36 -7.40 -6.79
N ALA B 81 -33.52 -7.79 -8.06
CA ALA B 81 -34.27 -8.98 -8.38
C ALA B 81 -33.49 -10.20 -7.88
N PRO B 82 -34.15 -11.34 -7.76
CA PRO B 82 -33.48 -12.56 -7.27
C PRO B 82 -32.28 -12.98 -8.13
N ASN B 83 -32.24 -12.51 -9.37
CA ASN B 83 -31.13 -12.88 -10.26
C ASN B 83 -30.11 -11.75 -10.46
N GLY B 84 -30.10 -10.75 -9.58
CA GLY B 84 -29.16 -9.66 -9.71
C GLY B 84 -27.85 -9.97 -9.00
N ASN B 85 -26.87 -9.07 -9.10
CA ASN B 85 -25.59 -9.30 -8.44
C ASN B 85 -25.05 -8.00 -7.86
N ILE B 86 -24.58 -8.06 -6.62
CA ILE B 86 -24.08 -6.88 -5.91
C ILE B 86 -22.97 -6.09 -6.61
N PHE B 87 -22.06 -6.78 -7.28
CA PHE B 87 -20.95 -6.13 -7.96
C PHE B 87 -21.38 -5.16 -9.06
N ASN B 88 -22.42 -5.52 -9.81
CA ASN B 88 -22.93 -4.65 -10.86
C ASN B 88 -23.70 -3.51 -10.18
N TRP B 89 -24.43 -3.82 -9.11
CA TRP B 89 -25.18 -2.81 -8.39
C TRP B 89 -24.23 -1.76 -7.82
N LEU B 90 -23.12 -2.22 -7.25
CA LEU B 90 -22.14 -1.32 -6.68
C LEU B 90 -21.47 -0.43 -7.73
N ASP B 91 -21.03 -1.03 -8.84
CA ASP B 91 -20.35 -0.29 -9.89
C ASP B 91 -21.22 0.49 -10.86
N TYR B 92 -22.40 -0.04 -11.17
CA TYR B 92 -23.28 0.63 -12.13
C TYR B 92 -24.49 1.33 -11.56
N TRP B 93 -24.66 1.29 -10.24
CA TRP B 93 -25.80 1.96 -9.62
C TRP B 93 -25.37 2.82 -8.44
N LEU B 94 -24.86 2.19 -7.39
CA LEU B 94 -24.43 2.91 -6.19
C LEU B 94 -23.33 3.93 -6.42
N LYS B 95 -22.23 3.50 -7.05
CA LYS B 95 -21.12 4.41 -7.29
C LYS B 95 -21.54 5.62 -8.11
N PRO B 96 -22.20 5.41 -9.25
CA PRO B 96 -22.62 6.54 -10.08
C PRO B 96 -23.52 7.51 -9.32
N LYS B 97 -24.37 7.00 -8.44
CA LYS B 97 -25.28 7.83 -7.65
C LYS B 97 -24.52 8.89 -6.85
N ASN B 98 -23.31 8.54 -6.42
CA ASN B 98 -22.47 9.46 -5.66
C ASN B 98 -23.25 10.09 -4.49
N PHE B 99 -23.82 9.24 -3.66
CA PHE B 99 -24.60 9.69 -2.51
C PHE B 99 -23.72 10.36 -1.45
N PRO B 100 -24.26 11.37 -0.75
CA PRO B 100 -23.49 12.05 0.29
C PRO B 100 -23.35 11.17 1.54
N GLU B 101 -22.43 11.54 2.42
CA GLU B 101 -22.19 10.78 3.64
C GLU B 101 -23.43 10.67 4.52
N ASN B 102 -24.29 11.68 4.51
CA ASN B 102 -25.49 11.66 5.33
C ASN B 102 -26.67 11.00 4.64
N ALA B 103 -26.42 10.34 3.52
CA ALA B 103 -27.51 9.69 2.79
C ALA B 103 -28.08 8.49 3.56
N GLN B 104 -29.39 8.30 3.39
CA GLN B 104 -30.10 7.18 4.01
C GLN B 104 -30.92 6.56 2.88
N ILE B 105 -30.50 5.39 2.42
CA ILE B 105 -31.15 4.71 1.30
C ILE B 105 -31.67 3.32 1.68
N ALA B 106 -32.90 3.01 1.31
CA ALA B 106 -33.45 1.70 1.61
C ALA B 106 -33.68 0.91 0.33
N ILE B 107 -33.38 -0.38 0.38
CA ILE B 107 -33.58 -1.25 -0.76
C ILE B 107 -34.50 -2.39 -0.28
N VAL B 108 -35.51 -2.69 -1.10
CA VAL B 108 -36.49 -3.74 -0.80
C VAL B 108 -36.24 -4.92 -1.72
N GLY B 109 -35.88 -6.08 -1.15
CA GLY B 109 -35.59 -7.22 -1.99
C GLY B 109 -35.96 -8.60 -1.48
N HIS B 110 -35.11 -9.56 -1.84
CA HIS B 110 -35.36 -10.97 -1.51
C HIS B 110 -34.19 -11.67 -0.84
N GLU B 111 -34.48 -12.85 -0.31
CA GLU B 111 -33.47 -13.69 0.31
C GLU B 111 -33.13 -14.75 -0.73
N PRO B 112 -31.90 -15.29 -0.69
CA PRO B 112 -30.87 -14.90 0.27
C PRO B 112 -30.05 -13.70 -0.21
N CYS B 113 -30.51 -13.07 -1.29
CA CYS B 113 -29.83 -11.91 -1.86
C CYS B 113 -29.41 -10.85 -0.85
N LEU B 114 -30.37 -10.33 -0.10
CA LEU B 114 -30.09 -9.29 0.87
C LEU B 114 -29.07 -9.69 1.94
N SER B 115 -29.25 -10.86 2.56
CA SER B 115 -28.32 -11.33 3.60
C SER B 115 -26.92 -11.54 3.06
N ASN B 116 -26.83 -12.08 1.85
CA ASN B 116 -25.55 -12.34 1.21
C ASN B 116 -24.87 -11.02 0.84
N TRP B 117 -25.62 -10.06 0.31
CA TRP B 117 -25.04 -8.78 -0.04
C TRP B 117 -24.48 -8.16 1.23
N THR B 118 -25.19 -8.36 2.35
CA THR B 118 -24.77 -7.82 3.63
C THR B 118 -23.47 -8.48 4.07
N GLU B 119 -23.40 -9.81 3.97
CA GLU B 119 -22.19 -10.53 4.38
C GLU B 119 -20.99 -10.12 3.53
N ILE B 120 -21.24 -9.85 2.25
CA ILE B 120 -20.19 -9.43 1.34
C ILE B 120 -19.68 -8.04 1.76
N LEU B 121 -20.60 -7.17 2.18
CA LEU B 121 -20.23 -5.83 2.60
C LEU B 121 -19.53 -5.81 3.95
N LEU B 122 -19.88 -6.76 4.82
CA LEU B 122 -19.28 -6.86 6.14
C LEU B 122 -18.04 -7.75 6.20
N TRP B 123 -18.20 -8.98 5.72
CA TRP B 123 -17.14 -9.99 5.73
C TRP B 123 -16.33 -10.09 4.45
N GLY B 124 -16.97 -9.89 3.30
CA GLY B 124 -16.24 -9.97 2.05
C GLY B 124 -16.77 -11.05 1.12
N GLU B 125 -17.63 -11.92 1.64
CA GLU B 125 -18.20 -13.00 0.83
C GLU B 125 -19.42 -13.57 1.53
N ALA B 126 -20.36 -14.11 0.75
CA ALA B 126 -21.58 -14.70 1.30
C ALA B 126 -21.26 -15.80 2.32
N LYS B 127 -22.10 -15.94 3.34
CA LYS B 127 -21.87 -16.96 4.37
C LYS B 127 -23.17 -17.61 4.86
N ASP B 128 -24.31 -17.00 4.55
CA ASP B 128 -25.61 -17.53 4.96
C ASP B 128 -25.67 -17.73 6.47
N SER B 129 -25.28 -16.72 7.22
CA SER B 129 -25.24 -16.77 8.68
C SER B 129 -26.23 -15.79 9.32
N LEU B 130 -27.00 -15.09 8.50
CA LEU B 130 -27.96 -14.12 9.00
C LEU B 130 -29.40 -14.56 8.75
N VAL B 131 -30.28 -14.27 9.69
CA VAL B 131 -31.68 -14.63 9.53
C VAL B 131 -32.47 -13.34 9.27
N LEU B 132 -32.93 -13.17 8.03
CA LEU B 132 -33.69 -11.98 7.65
C LEU B 132 -35.11 -12.39 7.33
N LYS B 133 -36.03 -12.10 8.24
CA LYS B 133 -37.44 -12.43 8.06
C LYS B 133 -38.13 -11.48 7.08
N LYS B 134 -39.29 -11.89 6.58
CA LYS B 134 -40.06 -11.07 5.67
C LYS B 134 -40.50 -9.82 6.43
N ALA B 135 -40.33 -8.66 5.80
CA ALA B 135 -40.65 -7.36 6.39
C ALA B 135 -39.58 -7.02 7.45
N GLY B 136 -38.54 -7.83 7.48
CA GLY B 136 -37.44 -7.61 8.41
C GLY B 136 -36.46 -6.64 7.79
N MSE B 137 -35.62 -6.03 8.61
CA MSE B 137 -34.66 -5.05 8.10
C MSE B 137 -33.26 -5.11 8.69
O MSE B 137 -33.07 -5.55 9.81
CB MSE B 137 -35.25 -3.64 8.30
CG MSE B 137 -34.37 -2.46 7.85
SE MSE B 137 -35.32 -0.77 8.10
CE MSE B 137 -35.06 0.01 6.38
N ILE B 138 -32.31 -4.64 7.89
CA ILE B 138 -30.91 -4.59 8.28
C ILE B 138 -30.42 -3.18 8.00
N GLY B 139 -29.65 -2.63 8.93
CA GLY B 139 -29.13 -1.29 8.77
C GLY B 139 -27.61 -1.36 8.71
N LEU B 140 -27.04 -0.83 7.63
CA LEU B 140 -25.60 -0.83 7.44
C LEU B 140 -25.05 0.56 7.20
N LYS B 141 -23.80 0.75 7.58
CA LYS B 141 -23.10 2.01 7.38
C LYS B 141 -21.99 1.68 6.38
N LEU B 142 -22.03 2.33 5.23
CA LEU B 142 -21.04 2.11 4.18
C LEU B 142 -20.06 3.27 4.12
N PRO B 143 -18.77 2.96 3.85
CA PRO B 143 -17.70 3.96 3.75
C PRO B 143 -17.95 4.95 2.62
N GLU B 144 -17.48 6.18 2.78
CA GLU B 144 -17.64 7.20 1.76
C GLU B 144 -16.66 6.97 0.62
N ILE B 145 -15.41 6.69 0.98
CA ILE B 145 -14.35 6.48 0.00
C ILE B 145 -14.01 5.01 -0.19
N GLY B 146 -13.79 4.65 -1.45
CA GLY B 146 -13.43 3.28 -1.79
C GLY B 146 -14.59 2.31 -1.78
N SER B 147 -14.29 1.07 -2.13
CA SER B 147 -15.31 0.04 -2.17
C SER B 147 -15.74 -0.32 -0.76
N PRO B 148 -17.05 -0.54 -0.55
CA PRO B 148 -17.57 -0.89 0.76
C PRO B 148 -17.42 -2.40 1.03
N VAL B 149 -16.95 -3.14 0.04
CA VAL B 149 -16.78 -4.58 0.20
C VAL B 149 -15.81 -4.93 1.34
N GLY B 150 -16.33 -5.67 2.32
CA GLY B 150 -15.52 -6.08 3.46
C GLY B 150 -15.12 -4.94 4.38
N ARG B 151 -15.69 -3.76 4.16
CA ARG B 151 -15.37 -2.58 4.95
C ARG B 151 -16.59 -1.91 5.56
N SER B 152 -17.76 -2.51 5.42
CA SER B 152 -18.97 -1.92 5.97
C SER B 152 -19.22 -2.38 7.40
N GLN B 153 -20.18 -1.75 8.06
CA GLN B 153 -20.53 -2.12 9.43
C GLN B 153 -22.03 -2.21 9.59
N MSE B 154 -22.46 -3.15 10.44
CA MSE B 154 -23.87 -3.34 10.71
C MSE B 154 -24.25 -2.79 12.08
O MSE B 154 -23.66 -3.17 13.09
CB MSE B 154 -24.23 -4.81 10.69
CG MSE B 154 -25.66 -5.05 11.16
SE MSE B 154 -26.04 -6.95 11.37
CE MSE B 154 -26.18 -7.30 9.55
N PHE B 155 -25.26 -1.92 12.13
CA PHE B 155 -25.69 -1.38 13.40
C PHE B 155 -27.12 -1.83 13.73
N TRP B 156 -27.79 -2.46 12.77
CA TRP B 156 -29.17 -2.92 13.00
C TRP B 156 -29.56 -4.17 12.23
N LEU B 157 -30.26 -5.07 12.91
CA LEU B 157 -30.77 -6.29 12.31
C LEU B 157 -31.96 -6.66 13.17
N THR B 158 -33.15 -6.66 12.60
CA THR B 158 -34.32 -7.02 13.36
C THR B 158 -35.47 -7.60 12.57
N PRO B 159 -36.22 -8.53 13.21
CA PRO B 159 -37.37 -9.15 12.56
C PRO B 159 -38.57 -8.29 12.96
N PRO B 160 -39.70 -8.43 12.26
CA PRO B 160 -40.89 -7.63 12.59
C PRO B 160 -41.35 -7.78 14.04
N ARG B 161 -41.37 -9.01 14.53
CA ARG B 161 -41.85 -9.26 15.90
C ARG B 161 -41.22 -8.40 17.00
N TYR B 162 -39.95 -8.05 16.86
CA TYR B 162 -39.29 -7.24 17.88
C TYR B 162 -39.51 -5.74 17.69
N LEU B 163 -40.41 -5.38 16.78
CA LEU B 163 -40.73 -3.98 16.54
C LEU B 163 -42.12 -3.67 17.06
N LEU B 164 -42.84 -4.70 17.49
CA LEU B 164 -44.19 -4.55 18.03
C LEU B 164 -44.16 -4.08 19.48
N LEU B 165 -45.30 -3.59 19.97
CA LEU B 165 -45.38 -3.11 21.35
C LEU B 165 -45.23 -4.25 22.37
N GLU B 166 -45.65 -5.45 21.98
CA GLU B 166 -45.53 -6.61 22.87
C GLU B 166 -45.49 -7.91 22.08
N HIS B 167 -44.75 -8.89 22.58
CA HIS B 167 -44.63 -10.19 21.92
C HIS B 167 -44.18 -11.27 22.92
N MSE C 1 8.24 13.57 -6.11
CA MSE C 1 7.83 14.68 -5.21
C MSE C 1 7.27 14.10 -3.92
O MSE C 1 6.99 12.90 -3.84
CB MSE C 1 6.77 15.57 -5.88
CG MSE C 1 5.43 14.87 -6.13
SE MSE C 1 4.13 16.09 -6.89
CE MSE C 1 3.37 16.80 -5.26
N GLU C 2 7.11 14.95 -2.92
CA GLU C 2 6.60 14.53 -1.64
C GLU C 2 5.27 15.17 -1.32
N LEU C 3 4.40 14.37 -0.70
CA LEU C 3 3.08 14.82 -0.33
C LEU C 3 2.97 14.71 1.19
N TYR C 4 2.57 15.78 1.84
CA TYR C 4 2.41 15.79 3.28
C TYR C 4 0.93 16.03 3.59
N LEU C 5 0.27 15.03 4.16
CA LEU C 5 -1.15 15.12 4.49
C LEU C 5 -1.30 15.48 5.98
N ILE C 6 -1.92 16.62 6.25
CA ILE C 6 -2.10 17.10 7.61
C ILE C 6 -3.57 17.26 7.98
N ARG C 7 -3.99 16.60 9.04
CA ARG C 7 -5.36 16.72 9.45
C ARG C 7 -5.53 18.02 10.23
N HIS C 8 -6.65 18.70 10.01
CA HIS C 8 -6.93 19.98 10.70
C HIS C 8 -6.83 19.81 12.21
N GLY C 9 -6.55 20.91 12.90
CA GLY C 9 -6.45 20.85 14.35
C GLY C 9 -7.81 20.71 15.03
N ILE C 10 -7.79 20.55 16.35
CA ILE C 10 -9.00 20.39 17.15
C ILE C 10 -9.95 21.58 17.00
N ALA C 11 -11.19 21.30 16.62
CA ALA C 11 -12.19 22.32 16.44
C ALA C 11 -13.35 22.17 17.44
N GLU C 12 -14.23 23.18 17.46
CA GLU C 12 -15.39 23.19 18.34
C GLU C 12 -16.24 21.93 18.15
N ALA C 13 -16.95 21.55 19.21
CA ALA C 13 -17.82 20.38 19.15
C ALA C 13 -19.10 20.72 18.40
N GLN C 14 -19.89 19.70 18.08
CA GLN C 14 -21.14 19.90 17.36
C GLN C 14 -22.17 20.54 18.29
N LYS C 19 -24.20 24.48 11.20
CA LYS C 19 -23.54 23.60 10.25
C LYS C 19 -22.14 23.25 10.71
N ASP C 20 -21.84 21.95 10.74
CA ASP C 20 -20.54 21.48 11.20
C ASP C 20 -19.39 21.99 10.33
N GLU C 21 -19.72 22.45 9.13
CA GLU C 21 -18.69 22.96 8.23
C GLU C 21 -18.21 24.32 8.72
N GLU C 22 -18.93 24.88 9.68
CA GLU C 22 -18.59 26.19 10.22
C GLU C 22 -17.81 26.12 11.51
N ARG C 23 -17.62 24.91 12.04
CA ARG C 23 -16.89 24.73 13.27
C ARG C 23 -15.47 25.29 13.13
N GLU C 24 -15.06 26.08 14.12
CA GLU C 24 -13.73 26.68 14.10
C GLU C 24 -12.81 26.01 15.12
N LEU C 25 -11.51 26.24 14.96
CA LEU C 25 -10.52 25.66 15.88
C LEU C 25 -10.65 26.28 17.26
N THR C 26 -10.46 25.46 18.30
CA THR C 26 -10.52 25.94 19.67
C THR C 26 -9.18 26.58 20.00
N GLN C 27 -9.11 27.32 21.10
CA GLN C 27 -7.83 27.93 21.48
C GLN C 27 -6.74 26.88 21.63
N GLU C 28 -7.05 25.76 22.25
CA GLU C 28 -6.07 24.68 22.41
C GLU C 28 -5.75 24.15 21.02
N GLY C 29 -6.76 24.07 20.16
CA GLY C 29 -6.55 23.59 18.81
C GLY C 29 -5.61 24.49 18.04
N LYS C 30 -5.72 25.79 18.25
CA LYS C 30 -4.86 26.75 17.56
C LYS C 30 -3.43 26.69 18.12
N GLN C 31 -3.33 26.70 19.44
CA GLN C 31 -2.04 26.65 20.10
C GLN C 31 -1.28 25.38 19.72
N LYS C 32 -1.95 24.23 19.78
CA LYS C 32 -1.31 22.97 19.44
C LYS C 32 -0.82 22.94 17.99
N THR C 33 -1.62 23.51 17.09
CA THR C 33 -1.26 23.56 15.68
C THR C 33 -0.03 24.43 15.49
N GLU C 34 0.03 25.53 16.24
CA GLU C 34 1.16 26.44 16.15
C GLU C 34 2.44 25.72 16.58
N LYS C 35 2.34 24.88 17.62
CA LYS C 35 3.50 24.12 18.09
C LYS C 35 3.96 23.18 16.99
N VAL C 36 3.00 22.49 16.36
CA VAL C 36 3.32 21.55 15.28
C VAL C 36 4.03 22.30 14.15
N ALA C 37 3.53 23.48 13.81
CA ALA C 37 4.12 24.31 12.76
C ALA C 37 5.56 24.70 13.11
N TYR C 38 5.76 25.13 14.34
CA TYR C 38 7.08 25.53 14.82
C TYR C 38 8.03 24.34 14.79
N ARG C 39 7.53 23.19 15.21
CA ARG C 39 8.35 21.98 15.22
C ARG C 39 8.81 21.67 13.79
N LEU C 40 7.88 21.77 12.84
CA LEU C 40 8.18 21.50 11.43
C LEU C 40 9.24 22.46 10.92
N VAL C 41 9.18 23.72 11.37
CA VAL C 41 10.16 24.71 10.95
C VAL C 41 11.53 24.32 11.49
N LYS C 42 11.55 23.88 12.75
CA LYS C 42 12.80 23.46 13.40
C LYS C 42 13.38 22.23 12.70
N LEU C 43 12.52 21.47 12.04
CA LEU C 43 12.96 20.27 11.32
C LEU C 43 13.35 20.58 9.88
N GLY C 44 13.54 21.87 9.59
CA GLY C 44 13.92 22.27 8.24
C GLY C 44 12.87 21.96 7.18
N ARG C 45 11.62 21.76 7.60
CA ARG C 45 10.54 21.47 6.66
C ARG C 45 10.06 22.72 5.91
N GLN C 46 9.85 22.56 4.61
CA GLN C 46 9.38 23.64 3.77
C GLN C 46 8.40 23.09 2.73
N PHE C 47 7.40 23.88 2.34
CA PHE C 47 6.44 23.45 1.34
C PHE C 47 6.34 24.46 0.20
N ASP C 48 6.34 23.95 -1.03
CA ASP C 48 6.23 24.80 -2.20
C ASP C 48 4.83 25.40 -2.24
N LEU C 49 3.89 24.71 -1.60
CA LEU C 49 2.51 25.16 -1.57
C LEU C 49 1.73 24.39 -0.53
N ILE C 50 0.75 25.05 0.08
CA ILE C 50 -0.12 24.44 1.06
C ILE C 50 -1.52 24.52 0.47
N VAL C 51 -2.11 23.34 0.21
CA VAL C 51 -3.47 23.27 -0.35
C VAL C 51 -4.38 22.85 0.80
N THR C 52 -5.55 23.48 0.91
CA THR C 52 -6.44 23.14 2.02
C THR C 52 -7.93 23.02 1.67
N SER C 53 -8.64 22.25 2.47
CA SER C 53 -10.07 22.08 2.30
C SER C 53 -10.65 23.46 2.64
N PRO C 54 -11.77 23.83 2.00
CA PRO C 54 -12.43 25.12 2.23
C PRO C 54 -13.09 25.22 3.60
N LEU C 55 -13.30 24.08 4.26
CA LEU C 55 -13.93 24.10 5.59
C LEU C 55 -13.09 24.86 6.59
N ILE C 56 -13.74 25.72 7.36
CA ILE C 56 -13.08 26.57 8.36
C ILE C 56 -12.01 25.87 9.20
N ARG C 57 -12.33 24.70 9.71
CA ARG C 57 -11.40 23.91 10.52
C ARG C 57 -10.07 23.76 9.80
N ALA C 58 -10.15 23.40 8.54
CA ALA C 58 -8.98 23.15 7.72
C ALA C 58 -8.23 24.44 7.36
N ARG C 59 -8.98 25.41 6.84
CA ARG C 59 -8.40 26.69 6.43
C ARG C 59 -7.63 27.35 7.58
N GLN C 60 -8.19 27.34 8.78
CA GLN C 60 -7.51 27.95 9.92
C GLN C 60 -6.22 27.22 10.24
N THR C 61 -6.23 25.90 10.06
CA THR C 61 -5.03 25.11 10.32
C THR C 61 -3.98 25.49 9.29
N ALA C 62 -4.37 25.53 8.03
CA ALA C 62 -3.44 25.89 6.96
C ALA C 62 -2.87 27.30 7.15
N GLU C 63 -3.71 28.24 7.55
CA GLU C 63 -3.25 29.62 7.75
C GLU C 63 -2.17 29.70 8.84
N ILE C 64 -2.30 28.88 9.87
CA ILE C 64 -1.31 28.85 10.93
C ILE C 64 0.00 28.33 10.36
N LEU C 65 -0.09 27.30 9.53
CA LEU C 65 1.09 26.71 8.89
C LEU C 65 1.75 27.76 8.01
N LEU C 66 0.95 28.48 7.24
CA LEU C 66 1.45 29.53 6.36
C LEU C 66 2.13 30.62 7.18
N ALA C 67 1.47 31.08 8.22
CA ALA C 67 2.01 32.13 9.08
C ALA C 67 3.35 31.76 9.71
N SER C 68 3.57 30.48 9.97
CA SER C 68 4.83 30.03 10.57
C SER C 68 5.97 30.14 9.57
N GLY C 69 5.64 30.42 8.31
CA GLY C 69 6.66 30.55 7.29
C GLY C 69 7.02 29.24 6.61
N LEU C 70 6.21 28.22 6.88
CA LEU C 70 6.41 26.89 6.31
C LEU C 70 6.28 26.91 4.78
N SER C 71 5.52 27.87 4.26
CA SER C 71 5.34 28.01 2.81
C SER C 71 5.05 29.45 2.41
N CYS C 72 5.13 29.75 1.11
CA CYS C 72 4.86 31.09 0.61
C CYS C 72 3.50 31.18 -0.05
N GLN C 73 2.92 30.02 -0.36
CA GLN C 73 1.63 30.00 -1.02
C GLN C 73 0.59 29.12 -0.34
N LEU C 74 -0.65 29.61 -0.34
CA LEU C 74 -1.78 28.90 0.26
C LEU C 74 -2.94 28.89 -0.74
N GLU C 75 -3.49 27.71 -0.99
CA GLU C 75 -4.59 27.58 -1.92
C GLU C 75 -5.64 26.63 -1.36
N GLU C 76 -6.92 26.89 -1.65
CA GLU C 76 -7.95 25.99 -1.18
C GLU C 76 -8.48 25.21 -2.37
N SER C 77 -9.00 24.02 -2.10
CA SER C 77 -9.55 23.16 -3.14
C SER C 77 -10.68 22.30 -2.62
N ASN C 78 -11.85 22.41 -3.25
CA ASN C 78 -13.02 21.64 -2.87
C ASN C 78 -12.73 20.15 -2.93
N HIS C 79 -11.68 19.78 -3.68
CA HIS C 79 -11.27 18.39 -3.80
C HIS C 79 -10.91 17.84 -2.42
N LEU C 80 -10.48 18.73 -1.54
CA LEU C 80 -10.08 18.36 -0.18
C LEU C 80 -11.25 18.38 0.80
N ALA C 81 -12.43 18.74 0.32
CA ALA C 81 -13.60 18.75 1.19
C ALA C 81 -13.95 17.30 1.44
N PRO C 82 -14.76 17.03 2.48
CA PRO C 82 -15.17 15.67 2.83
C PRO C 82 -15.86 14.93 1.67
N ASN C 83 -16.45 15.67 0.74
CA ASN C 83 -17.13 15.05 -0.39
C ASN C 83 -16.29 14.94 -1.65
N GLY C 84 -15.02 15.30 -1.57
CA GLY C 84 -14.17 15.23 -2.75
C GLY C 84 -13.71 13.81 -3.04
N ASN C 85 -13.05 13.60 -4.17
CA ASN C 85 -12.54 12.28 -4.51
C ASN C 85 -11.12 12.40 -5.03
N ILE C 86 -10.29 11.44 -4.65
CA ILE C 86 -8.88 11.40 -5.01
C ILE C 86 -8.58 11.34 -6.51
N PHE C 87 -9.34 10.54 -7.24
CA PHE C 87 -9.11 10.39 -8.67
C PHE C 87 -9.27 11.70 -9.44
N ASN C 88 -10.28 12.48 -9.12
CA ASN C 88 -10.46 13.75 -9.83
C ASN C 88 -9.39 14.75 -9.39
N TRP C 89 -8.96 14.64 -8.14
CA TRP C 89 -7.93 15.51 -7.62
C TRP C 89 -6.61 15.23 -8.35
N LEU C 90 -6.33 13.96 -8.57
CA LEU C 90 -5.09 13.57 -9.25
C LEU C 90 -5.10 13.97 -10.73
N ASP C 91 -6.19 13.66 -11.40
CA ASP C 91 -6.32 13.96 -12.82
C ASP C 91 -6.59 15.42 -13.16
N TYR C 92 -7.31 16.14 -12.30
CA TYR C 92 -7.65 17.53 -12.61
C TYR C 92 -7.07 18.61 -11.70
N TRP C 93 -6.17 18.23 -10.80
CA TRP C 93 -5.53 19.20 -9.93
C TRP C 93 -4.04 18.97 -9.88
N LEU C 94 -3.63 17.79 -9.41
CA LEU C 94 -2.21 17.48 -9.29
C LEU C 94 -1.51 17.49 -10.65
N LYS C 95 -1.99 16.67 -11.57
CA LYS C 95 -1.40 16.57 -12.89
C LYS C 95 -1.25 17.95 -13.57
N PRO C 96 -2.33 18.75 -13.58
CA PRO C 96 -2.28 20.08 -14.19
C PRO C 96 -1.23 20.99 -13.56
N LYS C 97 -0.99 20.83 -12.26
CA LYS C 97 0.00 21.65 -11.57
C LYS C 97 1.40 21.43 -12.15
N ASN C 98 1.64 20.20 -12.61
CA ASN C 98 2.92 19.83 -13.20
C ASN C 98 4.10 20.28 -12.32
N PHE C 99 4.08 19.86 -11.05
CA PHE C 99 5.13 20.21 -10.11
C PHE C 99 6.46 19.54 -10.46
N PRO C 100 7.59 20.15 -10.07
CA PRO C 100 8.90 19.56 -10.35
C PRO C 100 9.03 18.28 -9.51
N GLU C 101 10.04 17.48 -9.80
CA GLU C 101 10.26 16.23 -9.09
C GLU C 101 10.64 16.45 -7.62
N ASN C 102 11.38 17.52 -7.35
CA ASN C 102 11.79 17.81 -5.98
C ASN C 102 10.72 18.55 -5.18
N ALA C 103 9.53 18.68 -5.77
CA ALA C 103 8.45 19.39 -5.10
C ALA C 103 8.02 18.75 -3.79
N GLN C 104 7.55 19.60 -2.88
CA GLN C 104 7.06 19.17 -1.58
C GLN C 104 5.76 19.94 -1.36
N ILE C 105 4.65 19.20 -1.34
CA ILE C 105 3.33 19.79 -1.18
C ILE C 105 2.62 19.34 0.08
N ALA C 106 1.97 20.29 0.75
CA ALA C 106 1.23 19.98 1.96
C ALA C 106 -0.27 20.05 1.66
N ILE C 107 -1.02 19.07 2.17
CA ILE C 107 -2.47 19.05 1.97
C ILE C 107 -3.11 19.03 3.35
N VAL C 108 -3.99 20.00 3.61
CA VAL C 108 -4.67 20.10 4.89
C VAL C 108 -6.12 19.67 4.69
N GLY C 109 -6.51 18.59 5.35
CA GLY C 109 -7.86 18.09 5.18
C GLY C 109 -8.47 17.34 6.35
N HIS C 110 -9.38 16.44 6.02
CA HIS C 110 -10.13 15.67 6.99
C HIS C 110 -10.00 14.15 6.90
N GLU C 111 -10.46 13.47 7.94
CA GLU C 111 -10.48 12.01 7.98
C GLU C 111 -11.92 11.64 7.65
N PRO C 112 -12.14 10.44 7.07
CA PRO C 112 -11.11 9.47 6.73
C PRO C 112 -10.51 9.72 5.36
N CYS C 113 -10.81 10.89 4.79
CA CYS C 113 -10.31 11.24 3.47
C CYS C 113 -8.79 11.08 3.34
N LEU C 114 -8.05 11.77 4.22
CA LEU C 114 -6.59 11.71 4.17
C LEU C 114 -5.96 10.32 4.29
N SER C 115 -6.39 9.54 5.28
CA SER C 115 -5.81 8.21 5.48
C SER C 115 -6.26 7.24 4.38
N ASN C 116 -7.50 7.37 3.91
CA ASN C 116 -7.98 6.50 2.85
C ASN C 116 -7.28 6.85 1.54
N TRP C 117 -7.03 8.14 1.32
CA TRP C 117 -6.34 8.57 0.10
C TRP C 117 -4.95 7.95 0.14
N THR C 118 -4.32 8.02 1.31
CA THR C 118 -2.98 7.46 1.49
C THR C 118 -3.00 5.97 1.14
N GLU C 119 -3.99 5.24 1.63
CA GLU C 119 -4.06 3.80 1.36
C GLU C 119 -4.25 3.52 -0.12
N ILE C 120 -5.02 4.37 -0.79
CA ILE C 120 -5.24 4.21 -2.23
C ILE C 120 -3.91 4.42 -2.96
N LEU C 121 -3.13 5.41 -2.50
CA LEU C 121 -1.83 5.71 -3.12
C LEU C 121 -0.78 4.62 -2.82
N LEU C 122 -0.87 4.00 -1.64
CA LEU C 122 0.08 2.96 -1.26
C LEU C 122 -0.31 1.57 -1.74
N TRP C 123 -1.56 1.18 -1.48
CA TRP C 123 -2.02 -0.16 -1.85
C TRP C 123 -3.00 -0.23 -3.00
N GLY C 124 -3.57 0.91 -3.38
CA GLY C 124 -4.52 0.93 -4.48
C GLY C 124 -6.00 0.91 -4.10
N GLU C 125 -6.29 0.88 -2.81
CA GLU C 125 -7.66 0.84 -2.32
C GLU C 125 -7.69 1.21 -0.85
N ALA C 126 -8.81 1.78 -0.40
CA ALA C 126 -8.97 2.18 1.00
C ALA C 126 -9.04 0.92 1.87
N LYS C 127 -8.55 1.03 3.10
CA LYS C 127 -8.55 -0.10 4.02
C LYS C 127 -8.92 0.28 5.47
N ASP C 128 -8.79 1.56 5.82
CA ASP C 128 -9.12 2.06 7.16
C ASP C 128 -8.16 1.48 8.19
N SER C 129 -6.87 1.44 7.86
CA SER C 129 -5.89 0.87 8.75
C SER C 129 -4.94 1.88 9.37
N LEU C 130 -5.06 3.15 8.99
CA LEU C 130 -4.17 4.16 9.52
C LEU C 130 -4.88 5.08 10.51
N VAL C 131 -4.15 5.48 11.55
CA VAL C 131 -4.70 6.34 12.57
C VAL C 131 -4.06 7.72 12.41
N LEU C 132 -4.87 8.68 11.99
CA LEU C 132 -4.39 10.04 11.80
C LEU C 132 -5.13 10.97 12.76
N LYS C 133 -4.41 11.45 13.76
CA LYS C 133 -4.97 12.35 14.78
C LYS C 133 -5.03 13.78 14.26
N LYS C 134 -5.84 14.61 14.91
CA LYS C 134 -5.97 16.01 14.51
C LYS C 134 -4.62 16.69 14.67
N ALA C 135 -4.18 17.38 13.62
CA ALA C 135 -2.89 18.06 13.57
C ALA C 135 -1.79 17.03 13.37
N GLY C 136 -2.20 15.81 13.01
CA GLY C 136 -1.26 14.73 12.75
C GLY C 136 -0.80 14.81 11.32
N MSE C 137 0.23 14.07 10.94
CA MSE C 137 0.73 14.16 9.58
C MSE C 137 1.21 12.86 8.96
O MSE C 137 1.66 11.95 9.65
CB MSE C 137 1.87 15.18 9.55
CG MSE C 137 2.39 15.56 8.16
SE MSE C 137 3.73 17.00 8.29
CE MSE C 137 3.37 17.58 10.11
N ILE C 138 1.09 12.79 7.63
CA ILE C 138 1.55 11.65 6.86
C ILE C 138 2.48 12.16 5.76
N GLY C 139 3.61 11.48 5.60
CA GLY C 139 4.57 11.87 4.58
C GLY C 139 4.68 10.78 3.52
N LEU C 140 4.36 11.15 2.28
CA LEU C 140 4.39 10.22 1.16
C LEU C 140 5.34 10.67 0.06
N LYS C 141 5.87 9.69 -0.67
CA LYS C 141 6.76 9.93 -1.79
C LYS C 141 6.03 9.35 -3.01
N LEU C 142 5.81 10.17 -4.03
CA LEU C 142 5.12 9.72 -5.23
C LEU C 142 6.11 9.39 -6.35
N PRO C 143 5.75 8.44 -7.23
CA PRO C 143 6.62 8.04 -8.35
C PRO C 143 6.84 9.23 -9.28
N GLU C 144 8.00 9.29 -9.93
CA GLU C 144 8.31 10.38 -10.84
C GLU C 144 7.48 10.31 -12.12
N ILE C 145 7.15 9.09 -12.55
CA ILE C 145 6.35 8.91 -13.75
C ILE C 145 5.22 7.94 -13.49
N GLY C 146 4.12 8.15 -14.20
CA GLY C 146 2.96 7.29 -14.05
C GLY C 146 2.03 7.74 -12.97
N SER C 147 1.00 6.93 -12.74
CA SER C 147 0.02 7.23 -11.72
C SER C 147 0.55 6.81 -10.35
N PRO C 148 0.32 7.65 -9.33
CA PRO C 148 0.80 7.32 -7.99
C PRO C 148 -0.13 6.31 -7.30
N VAL C 149 -1.26 6.00 -7.92
CA VAL C 149 -2.23 5.05 -7.37
C VAL C 149 -1.61 3.67 -7.18
N GLY C 150 -1.57 3.20 -5.94
CA GLY C 150 -1.01 1.90 -5.63
C GLY C 150 0.47 1.77 -5.98
N ARG C 151 1.18 2.89 -6.05
CA ARG C 151 2.60 2.83 -6.39
C ARG C 151 3.44 3.81 -5.59
N SER C 152 2.83 4.46 -4.60
CA SER C 152 3.55 5.42 -3.79
C SER C 152 4.18 4.77 -2.55
N GLN C 153 4.90 5.56 -1.76
CA GLN C 153 5.51 5.05 -0.55
C GLN C 153 5.30 6.03 0.58
N MSE C 154 5.17 5.50 1.79
CA MSE C 154 4.99 6.33 2.96
C MSE C 154 6.28 6.24 3.78
O MSE C 154 6.82 5.15 3.97
CB MSE C 154 3.79 5.83 3.78
CG MSE C 154 3.60 6.53 5.13
SE MSE C 154 1.83 6.19 5.86
CE MSE C 154 1.97 4.26 6.03
N PHE C 155 6.77 7.39 4.22
CA PHE C 155 8.01 7.40 4.99
C PHE C 155 7.81 8.06 6.35
N TRP C 156 6.60 8.51 6.63
CA TRP C 156 6.34 9.16 7.90
C TRP C 156 4.86 9.19 8.24
N LEU C 157 4.55 8.93 9.50
CA LEU C 157 3.17 8.97 10.00
C LEU C 157 3.31 9.28 11.48
N THR C 158 2.75 10.40 11.91
CA THR C 158 2.86 10.74 13.31
C THR C 158 1.75 11.63 13.85
N PRO C 159 1.42 11.43 15.12
CA PRO C 159 0.38 12.22 15.78
C PRO C 159 1.17 13.39 16.38
N PRO C 160 0.50 14.47 16.77
CA PRO C 160 1.16 15.65 17.35
C PRO C 160 2.01 15.35 18.58
N ARG C 161 1.54 14.47 19.46
CA ARG C 161 2.30 14.16 20.67
C ARG C 161 3.71 13.64 20.44
N TYR C 162 3.94 12.90 19.35
CA TYR C 162 5.28 12.40 19.09
C TYR C 162 6.09 13.41 18.28
N LEU C 163 5.40 14.25 17.52
CA LEU C 163 6.06 15.26 16.71
C LEU C 163 6.69 16.31 17.60
N LEU C 164 5.93 16.73 18.61
CA LEU C 164 6.39 17.74 19.56
C LEU C 164 7.20 17.07 20.68
N LEU C 165 7.48 15.79 20.51
CA LEU C 165 8.25 15.01 21.48
C LEU C 165 7.63 15.14 22.88
N MSE D 1 -3.19 -4.92 21.64
CA MSE D 1 -1.83 -4.70 22.19
C MSE D 1 -1.04 -3.84 21.20
O MSE D 1 -1.46 -3.66 20.05
CB MSE D 1 -1.10 -6.03 22.37
CG MSE D 1 -1.01 -6.87 21.10
SE MSE D 1 0.31 -8.30 21.22
CE MSE D 1 1.84 -7.27 20.64
N GLU D 2 0.07 -3.28 21.66
CA GLU D 2 0.88 -2.47 20.78
C GLU D 2 2.14 -3.21 20.35
N LEU D 3 2.42 -3.18 19.06
CA LEU D 3 3.60 -3.84 18.53
C LEU D 3 4.49 -2.77 17.90
N TYR D 4 5.75 -2.78 18.30
CA TYR D 4 6.71 -1.82 17.79
C TYR D 4 7.75 -2.57 16.98
N LEU D 5 7.92 -2.17 15.73
CA LEU D 5 8.87 -2.80 14.83
C LEU D 5 10.04 -1.82 14.62
N ILE D 6 11.22 -2.23 15.06
CA ILE D 6 12.41 -1.40 15.00
C ILE D 6 13.48 -2.03 14.11
N ARG D 7 13.90 -1.30 13.08
CA ARG D 7 14.95 -1.83 12.21
C ARG D 7 16.25 -1.57 12.94
N HIS D 8 17.17 -2.51 12.85
CA HIS D 8 18.47 -2.39 13.51
C HIS D 8 19.20 -1.11 13.06
N GLY D 9 20.16 -0.69 13.87
CA GLY D 9 20.91 0.52 13.55
C GLY D 9 21.95 0.32 12.46
N ILE D 10 22.62 1.42 12.09
CA ILE D 10 23.63 1.40 11.04
C ILE D 10 24.80 0.48 11.40
N ALA D 11 25.06 -0.51 10.55
CA ALA D 11 26.16 -1.44 10.78
C ALA D 11 27.30 -1.24 9.78
N GLU D 12 28.46 -1.82 10.07
CA GLU D 12 29.65 -1.73 9.22
C GLU D 12 29.33 -2.02 7.76
N ALA D 13 29.99 -1.32 6.85
CA ALA D 13 29.76 -1.52 5.43
C ALA D 13 30.24 -2.91 5.00
N GLN D 14 29.60 -3.47 3.97
CA GLN D 14 29.99 -4.78 3.47
C GLN D 14 31.49 -4.78 3.19
N LYS D 15 32.18 -5.78 3.73
CA LYS D 15 33.64 -5.88 3.53
C LYS D 15 34.05 -7.30 3.13
N THR D 16 35.03 -7.40 2.25
CA THR D 16 35.51 -8.69 1.78
C THR D 16 35.96 -9.55 2.96
N GLY D 17 35.44 -10.77 3.03
CA GLY D 17 35.82 -11.67 4.11
C GLY D 17 34.74 -11.89 5.16
N ILE D 18 34.39 -10.84 5.89
CA ILE D 18 33.39 -10.93 6.94
C ILE D 18 32.00 -11.19 6.40
N LYS D 19 31.27 -12.09 7.06
CA LYS D 19 29.92 -12.45 6.67
C LYS D 19 28.94 -11.32 6.96
N ASP D 20 27.95 -11.16 6.10
CA ASP D 20 26.95 -10.12 6.28
C ASP D 20 26.22 -10.30 7.61
N GLU D 21 26.04 -11.54 8.03
CA GLU D 21 25.34 -11.85 9.27
C GLU D 21 26.13 -11.40 10.51
N GLU D 22 27.46 -11.34 10.37
CA GLU D 22 28.32 -10.95 11.48
C GLU D 22 28.62 -9.47 11.54
N ARG D 23 28.03 -8.71 10.62
CA ARG D 23 28.24 -7.27 10.57
C ARG D 23 27.77 -6.62 11.87
N GLU D 24 28.63 -5.83 12.51
CA GLU D 24 28.26 -5.18 13.76
C GLU D 24 27.99 -3.69 13.59
N LEU D 25 27.31 -3.10 14.57
CA LEU D 25 26.99 -1.68 14.50
C LEU D 25 28.27 -0.84 14.50
N THR D 26 28.25 0.26 13.75
CA THR D 26 29.39 1.16 13.69
C THR D 26 29.25 2.14 14.85
N GLN D 27 30.29 2.92 15.11
CA GLN D 27 30.24 3.91 16.19
C GLN D 27 29.06 4.85 15.95
N GLU D 28 28.89 5.27 14.70
CA GLU D 28 27.80 6.17 14.32
C GLU D 28 26.46 5.47 14.52
N GLY D 29 26.38 4.19 14.15
CA GLY D 29 25.15 3.44 14.32
C GLY D 29 24.78 3.31 15.78
N LYS D 30 25.77 3.01 16.63
CA LYS D 30 25.53 2.88 18.05
C LYS D 30 25.04 4.21 18.64
N GLN D 31 25.70 5.31 18.28
CA GLN D 31 25.34 6.62 18.77
C GLN D 31 23.92 7.02 18.37
N LYS D 32 23.61 6.84 17.09
CA LYS D 32 22.30 7.18 16.60
C LYS D 32 21.22 6.36 17.31
N THR D 33 21.45 5.06 17.44
CA THR D 33 20.50 4.18 18.11
C THR D 33 20.32 4.60 19.57
N GLU D 34 21.43 4.99 20.22
CA GLU D 34 21.35 5.44 21.61
C GLU D 34 20.47 6.70 21.69
N LYS D 35 20.64 7.60 20.73
CA LYS D 35 19.87 8.82 20.70
C LYS D 35 18.39 8.50 20.54
N VAL D 36 18.08 7.58 19.65
CA VAL D 36 16.69 7.17 19.44
C VAL D 36 16.11 6.58 20.72
N ALA D 37 16.86 5.70 21.37
CA ALA D 37 16.40 5.07 22.61
C ALA D 37 16.12 6.10 23.69
N TYR D 38 17.04 7.05 23.85
CA TYR D 38 16.89 8.10 24.85
C TYR D 38 15.59 8.89 24.63
N ARG D 39 15.34 9.28 23.39
CA ARG D 39 14.13 10.04 23.06
C ARG D 39 12.88 9.23 23.38
N LEU D 40 12.87 7.97 23.00
CA LEU D 40 11.72 7.10 23.27
C LEU D 40 11.41 7.09 24.76
N VAL D 41 12.45 6.99 25.59
CA VAL D 41 12.27 6.99 27.04
C VAL D 41 11.63 8.31 27.48
N LYS D 42 12.15 9.42 26.97
CA LYS D 42 11.61 10.75 27.30
C LYS D 42 10.14 10.84 26.93
N LEU D 43 9.76 10.18 25.84
CA LEU D 43 8.37 10.16 25.38
C LEU D 43 7.54 9.24 26.27
N GLY D 44 8.19 8.66 27.28
CA GLY D 44 7.51 7.78 28.20
C GLY D 44 7.23 6.40 27.62
N ARG D 45 7.90 6.06 26.53
CA ARG D 45 7.69 4.76 25.91
C ARG D 45 8.39 3.67 26.71
N GLN D 46 7.83 2.48 26.68
CA GLN D 46 8.43 1.35 27.39
C GLN D 46 7.90 0.09 26.72
N PHE D 47 8.61 -1.01 26.92
CA PHE D 47 8.21 -2.29 26.34
C PHE D 47 8.32 -3.39 27.40
N ASP D 48 7.32 -4.26 27.47
CA ASP D 48 7.33 -5.35 28.43
C ASP D 48 8.44 -6.33 28.05
N LEU D 49 8.72 -6.40 26.76
CA LEU D 49 9.72 -7.31 26.23
C LEU D 49 10.24 -6.85 24.87
N ILE D 50 11.51 -7.11 24.62
CA ILE D 50 12.09 -6.76 23.34
C ILE D 50 12.51 -8.08 22.72
N VAL D 51 12.08 -8.34 21.48
CA VAL D 51 12.44 -9.57 20.79
C VAL D 51 13.38 -9.17 19.65
N THR D 52 14.43 -9.94 19.44
CA THR D 52 15.40 -9.62 18.39
C THR D 52 15.85 -10.74 17.49
N SER D 53 16.18 -10.36 16.26
CA SER D 53 16.72 -11.27 15.27
C SER D 53 18.04 -11.74 15.89
N PRO D 54 18.49 -12.95 15.56
CA PRO D 54 19.75 -13.45 16.11
C PRO D 54 20.96 -12.79 15.44
N LEU D 55 20.75 -12.05 14.35
CA LEU D 55 21.87 -11.40 13.69
C LEU D 55 22.48 -10.34 14.62
N ILE D 56 23.81 -10.35 14.73
CA ILE D 56 24.50 -9.42 15.61
C ILE D 56 24.04 -7.96 15.50
N ARG D 57 23.85 -7.47 14.26
CA ARG D 57 23.38 -6.09 14.00
C ARG D 57 22.16 -5.73 14.86
N ALA D 58 21.20 -6.65 14.85
CA ALA D 58 19.93 -6.48 15.56
C ALA D 58 20.08 -6.62 17.07
N ARG D 59 20.81 -7.65 17.48
CA ARG D 59 21.03 -7.89 18.90
C ARG D 59 21.66 -6.66 19.56
N GLN D 60 22.67 -6.09 18.92
CA GLN D 60 23.35 -4.92 19.48
C GLN D 60 22.37 -3.76 19.56
N THR D 61 21.49 -3.67 18.58
CA THR D 61 20.50 -2.60 18.59
C THR D 61 19.58 -2.84 19.78
N ALA D 62 19.13 -4.08 19.95
CA ALA D 62 18.24 -4.41 21.06
C ALA D 62 18.89 -4.13 22.41
N GLU D 63 20.18 -4.45 22.53
CA GLU D 63 20.90 -4.22 23.79
C GLU D 63 20.97 -2.74 24.12
N ILE D 64 21.10 -1.90 23.09
CA ILE D 64 21.15 -0.47 23.33
C ILE D 64 19.79 -0.02 23.86
N LEU D 65 18.70 -0.58 23.33
CA LEU D 65 17.36 -0.21 23.80
C LEU D 65 17.20 -0.62 25.26
N LEU D 66 17.68 -1.81 25.59
CA LEU D 66 17.60 -2.30 26.98
C LEU D 66 18.41 -1.43 27.93
N ALA D 67 19.61 -1.03 27.50
CA ALA D 67 20.46 -0.21 28.36
C ALA D 67 19.84 1.16 28.63
N SER D 68 19.04 1.64 27.69
CA SER D 68 18.39 2.95 27.86
C SER D 68 17.28 2.85 28.89
N GLY D 69 16.88 1.63 29.25
CA GLY D 69 15.82 1.45 30.21
C GLY D 69 14.43 1.29 29.58
N LEU D 70 14.40 1.07 28.27
CA LEU D 70 13.14 0.89 27.56
C LEU D 70 12.40 -0.38 28.01
N SER D 71 13.17 -1.44 28.27
CA SER D 71 12.61 -2.71 28.73
C SER D 71 13.68 -3.37 29.61
N CYS D 72 13.31 -4.44 30.30
CA CYS D 72 14.25 -5.15 31.16
C CYS D 72 14.36 -6.61 30.74
N GLN D 73 13.65 -6.97 29.68
CA GLN D 73 13.63 -8.34 29.18
C GLN D 73 13.99 -8.45 27.69
N LEU D 74 14.84 -9.42 27.36
CA LEU D 74 15.25 -9.64 25.99
C LEU D 74 15.07 -11.10 25.60
N GLU D 75 14.67 -11.32 24.34
CA GLU D 75 14.49 -12.67 23.83
C GLU D 75 14.84 -12.65 22.34
N GLU D 76 15.55 -13.68 21.86
CA GLU D 76 15.86 -13.73 20.44
C GLU D 76 15.02 -14.82 19.80
N SER D 77 14.63 -14.60 18.56
CA SER D 77 13.80 -15.55 17.81
C SER D 77 14.21 -15.59 16.34
N ASN D 78 14.34 -16.79 15.80
CA ASN D 78 14.71 -16.98 14.41
C ASN D 78 13.60 -16.44 13.51
N HIS D 79 12.42 -16.26 14.08
CA HIS D 79 11.28 -15.72 13.32
C HIS D 79 11.63 -14.34 12.79
N LEU D 80 12.50 -13.63 13.51
CA LEU D 80 12.90 -12.28 13.11
C LEU D 80 14.10 -12.25 12.16
N ALA D 81 14.71 -13.40 11.90
CA ALA D 81 15.84 -13.41 10.99
C ALA D 81 15.32 -13.06 9.59
N PRO D 82 16.22 -12.69 8.66
CA PRO D 82 15.83 -12.33 7.29
C PRO D 82 14.94 -13.35 6.57
N ASN D 83 15.06 -14.63 6.91
CA ASN D 83 14.28 -15.68 6.26
C ASN D 83 13.04 -16.14 7.03
N GLY D 84 12.60 -15.39 8.03
CA GLY D 84 11.43 -15.81 8.78
C GLY D 84 10.14 -15.46 8.05
N ASN D 85 9.01 -15.81 8.65
CA ASN D 85 7.74 -15.50 8.03
C ASN D 85 6.70 -15.20 9.10
N ILE D 86 5.96 -14.13 8.87
CA ILE D 86 4.97 -13.65 9.81
C ILE D 86 3.89 -14.64 10.23
N PHE D 87 3.46 -15.50 9.32
CA PHE D 87 2.43 -16.49 9.65
C PHE D 87 2.92 -17.47 10.74
N ASN D 88 4.16 -17.95 10.63
CA ASN D 88 4.68 -18.84 11.66
C ASN D 88 4.89 -18.05 12.97
N TRP D 89 5.38 -16.82 12.86
CA TRP D 89 5.59 -16.00 14.05
C TRP D 89 4.27 -15.78 14.78
N LEU D 90 3.23 -15.41 14.04
CA LEU D 90 1.91 -15.19 14.62
C LEU D 90 1.38 -16.49 15.25
N ASP D 91 1.35 -17.57 14.46
CA ASP D 91 0.82 -18.83 14.99
C ASP D 91 1.64 -19.51 16.07
N TYR D 92 2.96 -19.51 15.94
CA TYR D 92 3.79 -20.21 16.92
C TYR D 92 4.57 -19.40 17.94
N TRP D 93 4.49 -18.08 17.88
CA TRP D 93 5.18 -17.25 18.85
C TRP D 93 4.21 -16.28 19.52
N LEU D 94 3.58 -15.42 18.72
CA LEU D 94 2.65 -14.44 19.27
C LEU D 94 1.44 -15.11 19.91
N LYS D 95 0.79 -16.02 19.19
CA LYS D 95 -0.38 -16.71 19.71
C LYS D 95 -0.08 -17.40 21.05
N PRO D 96 0.94 -18.26 21.10
CA PRO D 96 1.29 -18.96 22.34
C PRO D 96 1.52 -18.00 23.52
N LYS D 97 2.17 -16.86 23.25
CA LYS D 97 2.45 -15.87 24.29
C LYS D 97 1.18 -15.39 24.98
N ASN D 98 0.12 -15.24 24.22
CA ASN D 98 -1.16 -14.78 24.75
C ASN D 98 -1.01 -13.51 25.60
N PHE D 99 -0.45 -12.47 24.99
CA PHE D 99 -0.25 -11.18 25.66
C PHE D 99 -1.57 -10.46 25.93
N PRO D 100 -1.63 -9.71 27.04
CA PRO D 100 -2.85 -8.96 27.39
C PRO D 100 -3.08 -7.79 26.43
N GLU D 101 -4.21 -7.12 26.57
CA GLU D 101 -4.56 -6.00 25.71
C GLU D 101 -3.62 -4.81 25.86
N ASN D 102 -3.19 -4.54 27.09
CA ASN D 102 -2.32 -3.41 27.33
C ASN D 102 -0.83 -3.70 27.11
N ALA D 103 -0.51 -4.89 26.61
CA ALA D 103 0.89 -5.26 26.37
C ALA D 103 1.55 -4.38 25.31
N GLN D 104 2.85 -4.16 25.48
CA GLN D 104 3.61 -3.36 24.53
C GLN D 104 4.87 -4.17 24.26
N ILE D 105 5.01 -4.65 23.04
CA ILE D 105 6.16 -5.48 22.66
C ILE D 105 6.92 -4.86 21.50
N ALA D 106 8.23 -5.00 21.50
CA ALA D 106 9.04 -4.47 20.40
C ALA D 106 9.85 -5.59 19.77
N ILE D 107 9.93 -5.60 18.45
CA ILE D 107 10.73 -6.59 17.77
C ILE D 107 11.76 -5.80 16.97
N VAL D 108 13.01 -6.22 17.04
CA VAL D 108 14.10 -5.56 16.34
C VAL D 108 14.48 -6.47 15.20
N GLY D 109 14.42 -5.96 13.98
CA GLY D 109 14.74 -6.79 12.84
C GLY D 109 15.34 -6.15 11.62
N HIS D 110 15.00 -6.74 10.48
CA HIS D 110 15.53 -6.34 9.18
C HIS D 110 14.46 -6.01 8.15
N GLU D 111 14.90 -5.34 7.09
CA GLU D 111 14.06 -4.99 5.95
C GLU D 111 14.41 -6.01 4.88
N PRO D 112 13.47 -6.33 3.98
CA PRO D 112 12.11 -5.78 3.91
C PRO D 112 11.12 -6.46 4.86
N CYS D 113 11.64 -7.38 5.69
CA CYS D 113 10.81 -8.13 6.64
C CYS D 113 9.84 -7.29 7.47
N LEU D 114 10.38 -6.34 8.23
CA LEU D 114 9.54 -5.53 9.09
C LEU D 114 8.44 -4.76 8.37
N SER D 115 8.77 -4.05 7.30
CA SER D 115 7.73 -3.31 6.60
C SER D 115 6.76 -4.27 5.91
N ASN D 116 7.25 -5.41 5.43
CA ASN D 116 6.37 -6.37 4.77
C ASN D 116 5.42 -6.99 5.81
N TRP D 117 5.93 -7.26 7.01
CA TRP D 117 5.06 -7.82 8.05
C TRP D 117 4.01 -6.77 8.39
N THR D 118 4.43 -5.51 8.42
CA THR D 118 3.52 -4.41 8.73
C THR D 118 2.36 -4.35 7.71
N GLU D 119 2.68 -4.46 6.43
CA GLU D 119 1.67 -4.42 5.38
C GLU D 119 0.71 -5.61 5.49
N ILE D 120 1.26 -6.78 5.83
CA ILE D 120 0.40 -7.94 5.98
C ILE D 120 -0.61 -7.71 7.10
N LEU D 121 -0.14 -7.16 8.22
CA LEU D 121 -1.00 -6.85 9.36
C LEU D 121 -2.04 -5.76 9.07
N LEU D 122 -1.70 -4.81 8.20
CA LEU D 122 -2.63 -3.74 7.86
C LEU D 122 -3.54 -4.04 6.66
N TRP D 123 -2.92 -4.46 5.57
CA TRP D 123 -3.61 -4.74 4.31
C TRP D 123 -3.90 -6.22 4.09
N GLY D 124 -3.02 -7.09 4.56
CA GLY D 124 -3.21 -8.51 4.40
C GLY D 124 -2.22 -9.12 3.43
N GLU D 125 -1.42 -8.29 2.79
CA GLU D 125 -0.43 -8.76 1.83
C GLU D 125 0.67 -7.72 1.68
N ALA D 126 1.90 -8.16 1.47
CA ALA D 126 3.04 -7.26 1.32
C ALA D 126 2.98 -6.50 0.00
N LYS D 127 3.52 -5.29 0.00
CA LYS D 127 3.54 -4.46 -1.19
C LYS D 127 4.77 -3.58 -1.32
N ASP D 128 5.60 -3.53 -0.29
CA ASP D 128 6.81 -2.70 -0.34
C ASP D 128 6.44 -1.23 -0.59
N SER D 129 5.47 -0.74 0.18
CA SER D 129 5.02 0.64 0.05
C SER D 129 5.51 1.51 1.20
N LEU D 130 6.23 0.92 2.14
CA LEU D 130 6.71 1.68 3.29
C LEU D 130 8.24 1.82 3.34
N VAL D 131 8.70 2.99 3.76
CA VAL D 131 10.13 3.22 3.88
C VAL D 131 10.50 3.19 5.36
N LEU D 132 11.26 2.18 5.75
CA LEU D 132 11.71 2.04 7.13
C LEU D 132 13.24 2.15 7.16
N LYS D 133 13.74 3.20 7.81
CA LYS D 133 15.17 3.44 7.91
C LYS D 133 15.78 2.68 9.10
N LYS D 134 17.11 2.56 9.09
CA LYS D 134 17.79 1.87 10.18
C LYS D 134 17.59 2.70 11.44
N ALA D 135 17.26 2.02 12.54
CA ALA D 135 16.96 2.68 13.81
C ALA D 135 15.60 3.40 13.67
N GLY D 136 14.91 3.12 12.57
CA GLY D 136 13.60 3.69 12.33
C GLY D 136 12.58 2.84 13.07
N MSE D 137 11.34 3.31 13.23
CA MSE D 137 10.35 2.52 13.96
C MSE D 137 8.92 2.66 13.48
O MSE D 137 8.51 3.69 12.96
CB MSE D 137 10.42 2.86 15.46
CG MSE D 137 9.50 2.03 16.35
SE MSE D 137 9.74 2.53 18.22
CE MSE D 137 9.81 0.80 19.03
N ILE D 138 8.16 1.61 13.72
CA ILE D 138 6.75 1.53 13.36
C ILE D 138 5.97 1.13 14.62
N GLY D 139 4.86 1.84 14.86
CA GLY D 139 4.01 1.57 16.01
C GLY D 139 2.68 1.07 15.49
N LEU D 140 2.29 -0.14 15.92
CA LEU D 140 1.02 -0.74 15.49
C LEU D 140 0.16 -1.19 16.66
N LYS D 141 -1.15 -1.14 16.44
CA LYS D 141 -2.11 -1.59 17.44
C LYS D 141 -2.73 -2.86 16.85
N LEU D 142 -2.60 -3.97 17.58
CA LEU D 142 -3.15 -5.24 17.12
C LEU D 142 -4.39 -5.59 17.94
N PRO D 143 -5.38 -6.24 17.30
CA PRO D 143 -6.62 -6.63 18.00
C PRO D 143 -6.35 -7.67 19.07
N GLU D 144 -7.13 -7.63 20.14
CA GLU D 144 -6.95 -8.59 21.23
C GLU D 144 -7.55 -9.94 20.88
N ILE D 145 -8.54 -9.95 20.01
CA ILE D 145 -9.21 -11.20 19.61
C ILE D 145 -9.08 -11.51 18.13
N GLY D 146 -8.73 -12.76 17.82
CA GLY D 146 -8.60 -13.17 16.43
C GLY D 146 -7.28 -12.82 15.79
N SER D 147 -7.13 -13.21 14.54
CA SER D 147 -5.90 -12.92 13.81
C SER D 147 -5.78 -11.43 13.49
N PRO D 148 -4.58 -10.87 13.66
CA PRO D 148 -4.34 -9.45 13.39
C PRO D 148 -4.12 -9.19 11.91
N VAL D 149 -4.08 -10.25 11.12
CA VAL D 149 -3.87 -10.10 9.67
C VAL D 149 -4.95 -9.26 9.00
N GLY D 150 -4.53 -8.18 8.35
CA GLY D 150 -5.46 -7.29 7.67
C GLY D 150 -6.45 -6.63 8.60
N ARG D 151 -6.15 -6.65 9.89
CA ARG D 151 -7.04 -6.06 10.90
C ARG D 151 -6.29 -5.15 11.85
N SER D 152 -5.00 -4.92 11.59
CA SER D 152 -4.25 -4.08 12.51
C SER D 152 -4.30 -2.60 12.10
N GLN D 153 -3.81 -1.74 12.98
CA GLN D 153 -3.80 -0.30 12.73
C GLN D 153 -2.44 0.32 13.01
N MSE D 154 -2.03 1.23 12.14
CA MSE D 154 -0.76 1.91 12.35
C MSE D 154 -0.99 3.31 12.91
O MSE D 154 -1.80 4.06 12.37
CB MSE D 154 0.00 2.08 11.04
CG MSE D 154 1.25 2.94 11.22
SE MSE D 154 2.11 3.32 9.53
CE MSE D 154 2.94 1.61 9.37
N PHE D 155 -0.27 3.65 13.97
CA PHE D 155 -0.40 4.97 14.55
C PHE D 155 0.92 5.73 14.51
N TRP D 156 2.00 5.06 14.11
CA TRP D 156 3.30 5.71 14.06
C TRP D 156 4.30 5.05 13.11
N LEU D 157 5.04 5.87 12.37
CA LEU D 157 6.06 5.41 11.44
C LEU D 157 7.02 6.56 11.36
N THR D 158 8.26 6.35 11.79
CA THR D 158 9.22 7.44 11.77
C THR D 158 10.66 7.05 11.55
N PRO D 159 11.43 7.93 10.91
CA PRO D 159 12.85 7.63 10.70
C PRO D 159 13.55 8.29 11.89
N PRO D 160 14.82 7.93 12.13
CA PRO D 160 15.51 8.54 13.26
C PRO D 160 15.54 10.07 13.22
N ARG D 161 15.89 10.63 12.08
CA ARG D 161 16.00 12.07 11.93
C ARG D 161 14.86 12.89 12.52
N TYR D 162 13.62 12.39 12.44
CA TYR D 162 12.51 13.15 12.98
C TYR D 162 12.32 12.98 14.47
N LEU D 163 13.31 12.37 15.13
CA LEU D 163 13.26 12.17 16.57
C LEU D 163 14.33 12.98 17.29
N LEU D 164 15.06 13.78 16.52
CA LEU D 164 16.12 14.63 17.08
C LEU D 164 15.58 16.03 17.34
N LEU D 165 16.47 16.95 17.71
CA LEU D 165 16.06 18.32 17.99
C LEU D 165 15.94 19.16 16.72
N GLU D 166 16.87 18.95 15.79
CA GLU D 166 16.87 19.65 14.53
C GLU D 166 17.37 18.75 13.40
N MSE E 1 18.69 -14.94 -15.98
CA MSE E 1 19.46 -14.10 -15.01
C MSE E 1 20.12 -12.94 -15.74
O MSE E 1 20.15 -12.91 -16.97
CB MSE E 1 20.52 -14.95 -14.31
CG MSE E 1 21.50 -15.63 -15.25
SE MSE E 1 23.00 -16.45 -14.28
CE MSE E 1 24.08 -14.86 -14.11
N GLU E 2 20.64 -11.98 -14.99
CA GLU E 2 21.28 -10.82 -15.57
C GLU E 2 22.76 -10.73 -15.22
N LEU E 3 23.56 -10.30 -16.20
CA LEU E 3 24.98 -10.16 -16.00
C LEU E 3 25.37 -8.70 -16.19
N TYR E 4 26.10 -8.15 -15.22
CA TYR E 4 26.54 -6.76 -15.29
C TYR E 4 28.06 -6.70 -15.35
N LEU E 5 28.58 -6.27 -16.50
CA LEU E 5 30.03 -6.18 -16.69
C LEU E 5 30.48 -4.75 -16.41
N ILE E 6 31.40 -4.59 -15.48
CA ILE E 6 31.87 -3.26 -15.09
C ILE E 6 33.39 -3.15 -15.22
N ARG E 7 33.85 -2.20 -16.01
CA ARG E 7 35.29 -2.03 -16.16
C ARG E 7 35.83 -1.31 -14.92
N HIS E 8 37.02 -1.69 -14.50
CA HIS E 8 37.64 -1.08 -13.32
C HIS E 8 37.75 0.44 -13.51
N GLY E 9 37.85 1.17 -12.41
CA GLY E 9 37.96 2.62 -12.47
C GLY E 9 39.33 3.10 -12.94
N ILE E 10 39.49 4.41 -13.01
CA ILE E 10 40.74 5.02 -13.46
C ILE E 10 41.89 4.74 -12.49
N ALA E 11 42.99 4.20 -13.03
CA ALA E 11 44.15 3.89 -12.22
C ALA E 11 45.38 4.70 -12.64
N GLU E 12 46.42 4.67 -11.82
CA GLU E 12 47.66 5.41 -12.09
C GLU E 12 48.23 5.03 -13.46
N ALA E 13 48.86 5.99 -14.13
CA ALA E 13 49.45 5.72 -15.45
C ALA E 13 50.67 4.80 -15.30
N GLN E 14 51.01 4.09 -16.37
CA GLN E 14 52.16 3.18 -16.34
C GLN E 14 53.40 3.94 -15.92
N LYS E 15 54.20 3.31 -15.06
CA LYS E 15 55.42 3.95 -14.59
C LYS E 15 56.51 2.88 -14.55
N THR E 16 57.67 3.24 -15.07
CA THR E 16 58.78 2.30 -15.12
C THR E 16 59.12 1.77 -13.73
N GLY E 17 59.37 0.46 -13.67
CA GLY E 17 59.71 -0.17 -12.40
C GLY E 17 58.58 -0.91 -11.70
N ILE E 18 57.34 -0.45 -11.90
CA ILE E 18 56.19 -1.07 -11.26
C ILE E 18 55.27 -1.77 -12.25
N LYS E 19 55.05 -3.06 -12.01
CA LYS E 19 54.20 -3.87 -12.88
C LYS E 19 52.83 -3.23 -13.09
N ASP E 20 52.26 -3.43 -14.27
CA ASP E 20 50.96 -2.85 -14.57
C ASP E 20 49.91 -3.50 -13.68
N GLU E 21 50.14 -4.77 -13.33
CA GLU E 21 49.19 -5.49 -12.47
C GLU E 21 49.06 -4.87 -11.08
N GLU E 22 50.05 -4.08 -10.68
CA GLU E 22 50.03 -3.45 -9.38
C GLU E 22 49.48 -2.03 -9.37
N ARG E 23 49.16 -1.49 -10.55
CA ARG E 23 48.64 -0.13 -10.59
C ARG E 23 47.34 -0.05 -9.80
N GLU E 24 47.24 0.99 -8.99
CA GLU E 24 46.06 1.18 -8.15
C GLU E 24 45.22 2.33 -8.64
N LEU E 25 43.96 2.36 -8.20
CA LEU E 25 43.06 3.43 -8.59
C LEU E 25 43.63 4.73 -8.02
N THR E 26 43.41 5.81 -8.75
CA THR E 26 43.87 7.12 -8.30
C THR E 26 42.74 7.71 -7.47
N GLN E 27 43.01 8.86 -6.85
CA GLN E 27 42.00 9.51 -6.04
C GLN E 27 40.74 9.79 -6.83
N GLU E 28 40.88 10.38 -8.02
CA GLU E 28 39.70 10.66 -8.81
C GLU E 28 39.06 9.34 -9.25
N GLY E 29 39.88 8.34 -9.53
CA GLY E 29 39.37 7.04 -9.93
C GLY E 29 38.46 6.47 -8.86
N LYS E 30 38.87 6.62 -7.60
CA LYS E 30 38.09 6.13 -6.48
C LYS E 30 36.83 6.98 -6.33
N GLN E 31 36.98 8.29 -6.46
CA GLN E 31 35.86 9.21 -6.35
C GLN E 31 34.79 8.95 -7.41
N LYS E 32 35.23 8.83 -8.66
CA LYS E 32 34.29 8.58 -9.75
C LYS E 32 33.61 7.22 -9.60
N THR E 33 34.37 6.24 -9.12
CA THR E 33 33.81 4.92 -8.92
C THR E 33 32.74 4.97 -7.83
N GLU E 34 32.97 5.79 -6.80
CA GLU E 34 32.02 5.94 -5.71
C GLU E 34 30.72 6.54 -6.23
N LYS E 35 30.84 7.61 -7.02
CA LYS E 35 29.67 8.25 -7.60
C LYS E 35 28.83 7.26 -8.39
N VAL E 36 29.50 6.40 -9.15
CA VAL E 36 28.81 5.40 -9.95
C VAL E 36 28.09 4.41 -9.03
N ALA E 37 28.79 3.91 -8.01
CA ALA E 37 28.20 2.95 -7.07
C ALA E 37 26.91 3.55 -6.47
N TYR E 38 26.98 4.81 -6.07
CA TYR E 38 25.84 5.50 -5.49
C TYR E 38 24.66 5.56 -6.46
N ARG E 39 24.94 5.89 -7.71
CA ARG E 39 23.88 5.96 -8.72
C ARG E 39 23.23 4.60 -8.90
N LEU E 40 24.04 3.53 -8.85
CA LEU E 40 23.51 2.18 -9.02
C LEU E 40 22.55 1.84 -7.88
N VAL E 41 22.94 2.20 -6.66
CA VAL E 41 22.09 1.94 -5.51
C VAL E 41 20.80 2.72 -5.73
N LYS E 42 20.94 3.97 -6.15
CA LYS E 42 19.79 4.85 -6.40
C LYS E 42 18.90 4.29 -7.50
N LEU E 43 19.51 3.56 -8.44
CA LEU E 43 18.78 2.97 -9.56
C LEU E 43 18.24 1.59 -9.22
N GLY E 44 18.24 1.25 -7.93
CA GLY E 44 17.73 -0.03 -7.49
C GLY E 44 18.57 -1.25 -7.81
N ARG E 45 19.77 -1.04 -8.33
CA ARG E 45 20.62 -2.18 -8.64
C ARG E 45 20.99 -2.94 -7.37
N GLN E 46 21.14 -4.25 -7.50
CA GLN E 46 21.48 -5.13 -6.38
C GLN E 46 22.02 -6.42 -6.98
N PHE E 47 23.20 -6.84 -6.52
CA PHE E 47 23.83 -8.06 -7.04
C PHE E 47 23.88 -9.16 -5.99
N ASP E 48 23.61 -10.39 -6.40
CA ASP E 48 23.66 -11.52 -5.47
C ASP E 48 25.13 -11.76 -5.13
N LEU E 49 25.99 -11.38 -6.07
CA LEU E 49 27.42 -11.55 -5.91
C LEU E 49 28.22 -10.67 -6.86
N ILE E 50 29.36 -10.19 -6.38
CA ILE E 50 30.26 -9.38 -7.19
C ILE E 50 31.52 -10.22 -7.37
N VAL E 51 31.88 -10.46 -8.63
CA VAL E 51 33.07 -11.24 -8.96
C VAL E 51 34.07 -10.29 -9.61
N THR E 52 35.33 -10.34 -9.18
CA THR E 52 36.33 -9.44 -9.73
C THR E 52 37.66 -10.08 -10.15
N SER E 53 38.33 -9.39 -11.05
CA SER E 53 39.64 -9.79 -11.52
C SER E 53 40.50 -9.61 -10.28
N PRO E 54 41.59 -10.38 -10.16
CA PRO E 54 42.48 -10.28 -9.00
C PRO E 54 43.37 -9.04 -9.05
N LEU E 55 43.54 -8.46 -10.23
CA LEU E 55 44.38 -7.25 -10.36
C LEU E 55 43.85 -6.17 -9.42
N ILE E 56 44.76 -5.49 -8.71
CA ILE E 56 44.34 -4.49 -7.75
C ILE E 56 43.42 -3.39 -8.28
N ARG E 57 43.61 -3.00 -9.54
CA ARG E 57 42.76 -1.98 -10.16
C ARG E 57 41.30 -2.38 -10.06
N ALA E 58 41.04 -3.63 -10.43
CA ALA E 58 39.71 -4.20 -10.45
C ALA E 58 39.19 -4.47 -9.05
N ARG E 59 40.04 -5.09 -8.24
CA ARG E 59 39.68 -5.43 -6.86
C ARG E 59 39.24 -4.20 -6.07
N GLN E 60 39.96 -3.09 -6.23
CA GLN E 60 39.60 -1.86 -5.52
C GLN E 60 38.27 -1.32 -6.01
N THR E 61 37.99 -1.51 -7.30
CA THR E 61 36.72 -1.05 -7.86
C THR E 61 35.59 -1.89 -7.26
N ALA E 62 35.79 -3.20 -7.22
CA ALA E 62 34.79 -4.12 -6.67
C ALA E 62 34.54 -3.87 -5.20
N GLU E 63 35.60 -3.55 -4.46
CA GLU E 63 35.47 -3.30 -3.03
C GLU E 63 34.62 -2.05 -2.82
N ILE E 64 34.78 -1.07 -3.70
CA ILE E 64 33.99 0.16 -3.60
C ILE E 64 32.52 -0.13 -3.87
N LEU E 65 32.24 -0.98 -4.85
CA LEU E 65 30.86 -1.34 -5.16
C LEU E 65 30.27 -2.08 -3.97
N LEU E 66 31.01 -3.06 -3.46
CA LEU E 66 30.58 -3.84 -2.31
C LEU E 66 30.27 -2.94 -1.11
N ALA E 67 31.18 -2.01 -0.84
CA ALA E 67 31.04 -1.09 0.28
C ALA E 67 29.80 -0.22 0.20
N SER E 68 29.36 0.11 -1.01
CA SER E 68 28.18 0.94 -1.21
C SER E 68 26.91 0.17 -0.91
N GLY E 69 27.05 -1.12 -0.62
CA GLY E 69 25.90 -1.95 -0.31
C GLY E 69 25.22 -2.48 -1.56
N LEU E 70 25.99 -2.63 -2.63
CA LEU E 70 25.46 -3.13 -3.89
C LEU E 70 25.28 -4.65 -3.83
N SER E 71 25.96 -5.28 -2.89
CA SER E 71 25.90 -6.74 -2.71
C SER E 71 26.40 -7.10 -1.31
N CYS E 72 26.29 -8.37 -0.96
CA CYS E 72 26.73 -8.87 0.34
C CYS E 72 27.94 -9.80 0.20
N GLN E 73 28.28 -10.16 -1.04
CA GLN E 73 29.41 -11.05 -1.28
C GLN E 73 30.32 -10.61 -2.42
N LEU E 74 31.62 -10.76 -2.21
CA LEU E 74 32.62 -10.40 -3.21
C LEU E 74 33.55 -11.58 -3.37
N GLU E 75 33.79 -11.98 -4.61
CA GLU E 75 34.67 -13.11 -4.88
C GLU E 75 35.66 -12.74 -5.99
N GLU E 76 36.90 -13.19 -5.84
CA GLU E 76 37.91 -12.94 -6.86
C GLU E 76 38.02 -14.18 -7.72
N SER E 77 38.34 -13.99 -9.00
CA SER E 77 38.48 -15.10 -9.92
C SER E 77 39.49 -14.80 -11.01
N ASN E 78 40.45 -15.68 -11.21
CA ASN E 78 41.47 -15.48 -12.24
C ASN E 78 40.85 -15.54 -13.63
N HIS E 79 39.58 -15.94 -13.73
CA HIS E 79 38.89 -15.99 -15.02
C HIS E 79 38.72 -14.58 -15.58
N LEU E 80 38.63 -13.61 -14.68
CA LEU E 80 38.43 -12.19 -15.02
C LEU E 80 39.73 -11.43 -15.25
N ALA E 81 40.86 -12.10 -15.08
CA ALA E 81 42.15 -11.46 -15.30
C ALA E 81 42.27 -11.27 -16.81
N PRO E 82 43.15 -10.36 -17.26
CA PRO E 82 43.35 -10.09 -18.69
C PRO E 82 43.61 -11.35 -19.52
N ASN E 83 44.28 -12.32 -18.92
CA ASN E 83 44.60 -13.58 -19.60
C ASN E 83 43.54 -14.66 -19.37
N GLY E 84 42.30 -14.26 -19.10
CA GLY E 84 41.23 -15.22 -18.87
C GLY E 84 40.59 -15.71 -20.14
N ASN E 85 39.62 -16.62 -20.00
CA ASN E 85 38.95 -17.20 -21.17
C ASN E 85 37.46 -17.38 -20.84
N ILE E 86 36.59 -16.74 -21.61
CA ILE E 86 35.16 -16.81 -21.35
C ILE E 86 34.58 -18.23 -21.29
N PHE E 87 35.09 -19.13 -22.12
CA PHE E 87 34.58 -20.50 -22.16
C PHE E 87 34.88 -21.28 -20.88
N ASN E 88 36.06 -21.08 -20.33
CA ASN E 88 36.43 -21.73 -19.09
C ASN E 88 35.56 -21.15 -17.97
N TRP E 89 35.35 -19.84 -18.00
CA TRP E 89 34.53 -19.16 -17.00
C TRP E 89 33.09 -19.70 -17.01
N LEU E 90 32.51 -19.80 -18.20
CA LEU E 90 31.15 -20.29 -18.32
C LEU E 90 31.03 -21.74 -17.84
N ASP E 91 31.94 -22.59 -18.30
CA ASP E 91 31.88 -24.01 -17.93
C ASP E 91 32.38 -24.37 -16.54
N TYR E 92 33.33 -23.61 -16.01
CA TYR E 92 33.88 -23.92 -14.70
C TYR E 92 33.57 -22.94 -13.59
N TRP E 93 32.92 -21.82 -13.91
CA TRP E 93 32.57 -20.87 -12.87
C TRP E 93 31.07 -20.60 -12.80
N LEU E 94 30.47 -20.18 -13.92
CA LEU E 94 29.04 -19.87 -13.96
C LEU E 94 28.16 -21.10 -13.78
N LYS E 95 28.36 -22.10 -14.63
CA LYS E 95 27.57 -23.33 -14.55
C LYS E 95 27.55 -23.90 -13.14
N PRO E 96 28.74 -24.10 -12.53
CA PRO E 96 28.80 -24.64 -11.17
C PRO E 96 27.99 -23.83 -10.15
N LYS E 97 28.02 -22.50 -10.29
CA LYS E 97 27.28 -21.63 -9.39
C LYS E 97 25.79 -21.96 -9.36
N ASN E 98 25.28 -22.42 -10.50
CA ASN E 98 23.87 -22.77 -10.63
C ASN E 98 22.97 -21.69 -10.03
N PHE E 99 23.12 -20.46 -10.50
CA PHE E 99 22.33 -19.32 -10.01
C PHE E 99 20.86 -19.43 -10.43
N PRO E 100 19.94 -18.89 -9.62
CA PRO E 100 18.52 -18.94 -9.96
C PRO E 100 18.29 -18.04 -11.17
N GLU E 101 17.19 -18.28 -11.89
CA GLU E 101 16.88 -17.50 -13.08
C GLU E 101 16.77 -15.98 -12.86
N ASN E 102 16.44 -15.56 -11.65
CA ASN E 102 16.30 -14.15 -11.37
C ASN E 102 17.56 -13.55 -10.75
N ALA E 103 18.66 -14.29 -10.87
CA ALA E 103 19.94 -13.84 -10.32
C ALA E 103 20.49 -12.63 -11.08
N GLN E 104 21.19 -11.77 -10.34
CA GLN E 104 21.84 -10.58 -10.87
C GLN E 104 23.27 -10.61 -10.38
N ILE E 105 24.19 -10.83 -11.32
CA ILE E 105 25.62 -10.94 -11.01
C ILE E 105 26.40 -9.75 -11.58
N ALA E 106 27.42 -9.30 -10.86
CA ALA E 106 28.26 -8.21 -11.35
C ALA E 106 29.68 -8.76 -11.52
N ILE E 107 30.30 -8.45 -12.65
CA ILE E 107 31.67 -8.89 -12.92
C ILE E 107 32.51 -7.63 -13.15
N VAL E 108 33.58 -7.47 -12.36
CA VAL E 108 34.45 -6.31 -12.49
C VAL E 108 35.72 -6.77 -13.18
N GLY E 109 36.02 -6.16 -14.33
CA GLY E 109 37.20 -6.59 -15.05
C GLY E 109 37.93 -5.58 -15.92
N HIS E 110 38.43 -6.08 -17.04
CA HIS E 110 39.25 -5.32 -17.96
C HIS E 110 38.81 -5.37 -19.41
N GLU E 111 39.32 -4.41 -20.18
CA GLU E 111 39.07 -4.39 -21.62
C GLU E 111 40.32 -5.01 -22.23
N PRO E 112 40.21 -5.60 -23.42
CA PRO E 112 38.97 -5.73 -24.18
C PRO E 112 38.21 -6.99 -23.78
N CYS E 113 38.57 -7.58 -22.64
CA CYS E 113 37.92 -8.80 -22.17
C CYS E 113 36.40 -8.68 -22.02
N LEU E 114 35.96 -7.72 -21.22
CA LEU E 114 34.53 -7.56 -21.00
C LEU E 114 33.72 -7.28 -22.27
N SER E 115 34.20 -6.40 -23.15
CA SER E 115 33.45 -6.11 -24.36
C SER E 115 33.48 -7.31 -25.31
N ASN E 116 34.62 -7.98 -25.39
CA ASN E 116 34.72 -9.15 -26.25
C ASN E 116 33.84 -10.29 -25.72
N TRP E 117 33.78 -10.44 -24.39
CA TRP E 117 32.93 -11.46 -23.79
C TRP E 117 31.48 -11.18 -24.13
N THR E 118 31.10 -9.91 -24.03
CA THR E 118 29.75 -9.46 -24.32
C THR E 118 29.39 -9.83 -25.75
N GLU E 119 30.27 -9.49 -26.69
CA GLU E 119 30.02 -9.78 -28.09
C GLU E 119 29.91 -11.27 -28.34
N ILE E 120 30.68 -12.07 -27.61
CA ILE E 120 30.61 -13.51 -27.77
C ILE E 120 29.26 -13.99 -27.27
N LEU E 121 28.78 -13.41 -26.18
CA LEU E 121 27.49 -13.80 -25.63
C LEU E 121 26.33 -13.37 -26.54
N LEU E 122 26.48 -12.23 -27.21
CA LEU E 122 25.44 -11.71 -28.09
C LEU E 122 25.43 -12.31 -29.50
N TRP E 123 26.60 -12.31 -30.14
CA TRP E 123 26.73 -12.79 -31.51
C TRP E 123 27.55 -14.06 -31.69
N GLY E 124 28.30 -14.43 -30.65
CA GLY E 124 29.11 -15.64 -30.70
C GLY E 124 30.57 -15.44 -31.06
N GLU E 125 30.98 -14.20 -31.25
CA GLU E 125 32.35 -13.92 -31.63
C GLU E 125 32.73 -12.48 -31.34
N ALA E 126 33.98 -12.26 -30.94
CA ALA E 126 34.45 -10.91 -30.64
C ALA E 126 34.47 -10.10 -31.93
N LYS E 127 34.22 -8.79 -31.80
CA LYS E 127 34.19 -7.89 -32.96
C LYS E 127 34.81 -6.53 -32.64
N ASP E 128 35.06 -6.26 -31.37
CA ASP E 128 35.63 -4.98 -30.94
C ASP E 128 34.73 -3.84 -31.45
N SER E 129 33.43 -3.99 -31.26
CA SER E 129 32.48 -2.98 -31.73
C SER E 129 31.85 -2.18 -30.60
N LEU E 130 32.24 -2.50 -29.36
CA LEU E 130 31.70 -1.80 -28.20
C LEU E 130 32.73 -0.94 -27.49
N VAL E 131 32.29 0.23 -27.03
CA VAL E 131 33.18 1.13 -26.32
C VAL E 131 32.80 1.09 -24.85
N LEU E 132 33.67 0.49 -24.05
CA LEU E 132 33.45 0.36 -22.61
C LEU E 132 34.50 1.17 -21.85
N LYS E 133 34.08 2.29 -21.26
CA LYS E 133 34.97 3.16 -20.51
C LYS E 133 35.23 2.65 -19.10
N LYS E 134 36.27 3.16 -18.44
CA LYS E 134 36.58 2.75 -17.08
C LYS E 134 35.41 3.16 -16.19
N ALA E 135 35.00 2.26 -15.30
CA ALA E 135 33.86 2.47 -14.42
C ALA E 135 32.59 2.46 -15.29
N GLY E 136 32.75 2.01 -16.54
CA GLY E 136 31.63 1.90 -17.47
C GLY E 136 30.93 0.56 -17.24
N MSE E 137 29.68 0.44 -17.66
CA MSE E 137 28.94 -0.80 -17.44
C MSE E 137 28.09 -1.29 -18.59
O MSE E 137 27.58 -0.52 -19.41
CB MSE E 137 28.05 -0.62 -16.21
CG MSE E 137 27.34 -1.88 -15.69
SE MSE E 137 26.36 -1.45 -14.06
CE MSE E 137 27.37 0.13 -13.54
N ILE E 138 27.92 -2.61 -18.62
CA ILE E 138 27.12 -3.30 -19.62
C ILE E 138 26.16 -4.24 -18.89
N GLY E 139 24.90 -4.23 -19.31
CA GLY E 139 23.89 -5.09 -18.72
C GLY E 139 23.41 -6.10 -19.74
N LEU E 140 23.45 -7.38 -19.39
CA LEU E 140 23.05 -8.46 -20.28
C LEU E 140 22.06 -9.40 -19.62
N LYS E 141 21.23 -10.02 -20.44
CA LYS E 141 20.24 -10.98 -19.98
C LYS E 141 20.63 -12.30 -20.63
N LEU E 142 20.83 -13.33 -19.79
CA LEU E 142 21.22 -14.65 -20.26
C LEU E 142 20.02 -15.57 -20.41
N PRO E 143 20.05 -16.47 -21.41
CA PRO E 143 18.97 -17.43 -21.67
C PRO E 143 18.76 -18.31 -20.45
N GLU E 144 17.51 -18.64 -20.13
CA GLU E 144 17.24 -19.49 -18.98
C GLU E 144 17.68 -20.93 -19.22
N ILE E 145 17.66 -21.35 -20.48
CA ILE E 145 18.06 -22.70 -20.81
C ILE E 145 19.15 -22.70 -21.88
N GLY E 146 20.07 -23.65 -21.77
CA GLY E 146 21.15 -23.76 -22.74
C GLY E 146 22.31 -22.82 -22.49
N SER E 147 23.22 -22.79 -23.46
CA SER E 147 24.40 -21.94 -23.38
C SER E 147 24.03 -20.51 -23.76
N PRO E 148 24.66 -19.53 -23.10
CA PRO E 148 24.41 -18.12 -23.37
C PRO E 148 25.20 -17.60 -24.56
N VAL E 149 26.11 -18.43 -25.09
CA VAL E 149 26.94 -18.03 -26.23
C VAL E 149 26.09 -17.78 -27.47
N GLY E 150 26.24 -16.58 -28.02
CA GLY E 150 25.51 -16.19 -29.22
C GLY E 150 24.01 -16.22 -29.04
N ARG E 151 23.54 -16.18 -27.80
CA ARG E 151 22.11 -16.23 -27.54
C ARG E 151 21.64 -15.29 -26.44
N SER E 152 22.53 -14.43 -25.97
CA SER E 152 22.18 -13.48 -24.91
C SER E 152 21.70 -12.15 -25.51
N GLN E 153 21.16 -11.28 -24.65
CA GLN E 153 20.70 -9.97 -25.09
C GLN E 153 21.25 -8.85 -24.23
N MSE E 154 21.57 -7.72 -24.86
CA MSE E 154 22.09 -6.55 -24.15
C MSE E 154 21.00 -5.51 -24.00
O MSE E 154 20.34 -5.15 -24.98
CB MSE E 154 23.28 -5.96 -24.91
CG MSE E 154 23.87 -4.70 -24.29
SE MSE E 154 25.63 -4.24 -25.04
CE MSE E 154 25.09 -3.94 -26.87
N PHE E 155 20.81 -5.04 -22.78
CA PHE E 155 19.80 -4.03 -22.52
C PHE E 155 20.40 -2.73 -21.97
N TRP E 156 21.71 -2.72 -21.75
CA TRP E 156 22.31 -1.51 -21.20
C TRP E 156 23.81 -1.43 -21.42
N LEU E 157 24.27 -0.24 -21.78
CA LEU E 157 25.68 0.00 -22.02
C LEU E 157 25.88 1.49 -21.80
N THR E 158 26.69 1.86 -20.82
CA THR E 158 26.88 3.27 -20.55
C THR E 158 28.21 3.65 -19.92
N PRO E 159 28.71 4.85 -20.24
CA PRO E 159 29.97 5.29 -19.64
C PRO E 159 29.55 6.00 -18.35
N PRO E 160 30.49 6.26 -17.44
CA PRO E 160 30.16 6.93 -16.18
C PRO E 160 29.50 8.30 -16.33
N ARG E 161 29.94 9.07 -17.32
CA ARG E 161 29.41 10.41 -17.51
C ARG E 161 27.90 10.47 -17.77
N TYR E 162 27.35 9.43 -18.38
CA TYR E 162 25.92 9.42 -18.67
C TYR E 162 25.12 8.75 -17.56
N LEU E 163 25.82 8.34 -16.50
CA LEU E 163 25.18 7.69 -15.37
C LEU E 163 25.09 8.69 -14.22
N LEU E 164 25.97 9.68 -14.27
CA LEU E 164 26.05 10.71 -13.26
C LEU E 164 25.45 12.02 -13.75
N MSE F 1 31.24 10.66 -37.44
CA MSE F 1 29.97 11.26 -36.95
C MSE F 1 29.29 10.32 -35.96
O MSE F 1 29.63 9.13 -35.89
CB MSE F 1 29.02 11.55 -38.10
CG MSE F 1 28.58 10.31 -38.86
SE MSE F 1 27.20 10.75 -40.13
CE MSE F 1 25.67 10.55 -38.97
N GLU F 2 28.30 10.83 -35.22
CA GLU F 2 27.56 10.03 -34.26
C GLU F 2 26.11 9.88 -34.70
N LEU F 3 25.58 8.68 -34.51
CA LEU F 3 24.20 8.39 -34.88
C LEU F 3 23.46 7.91 -33.65
N TYR F 4 22.37 8.59 -33.33
CA TYR F 4 21.56 8.23 -32.18
C TYR F 4 20.24 7.65 -32.68
N LEU F 5 19.89 6.46 -32.21
CA LEU F 5 18.63 5.81 -32.60
C LEU F 5 17.70 5.81 -31.41
N ILE F 6 16.58 6.50 -31.57
CA ILE F 6 15.58 6.63 -30.50
C ILE F 6 14.26 5.99 -30.86
N ARG F 7 13.79 5.06 -30.04
CA ARG F 7 12.50 4.42 -30.32
C ARG F 7 11.41 5.36 -29.80
N HIS F 8 10.31 5.47 -30.53
CA HIS F 8 9.20 6.34 -30.14
C HIS F 8 8.65 5.99 -28.76
N GLY F 9 8.06 6.98 -28.09
CA GLY F 9 7.48 6.75 -26.77
C GLY F 9 6.24 5.88 -26.82
N ILE F 10 5.72 5.52 -25.65
CA ILE F 10 4.53 4.68 -25.51
C ILE F 10 3.32 5.25 -26.23
N ALA F 11 2.76 4.50 -27.16
CA ALA F 11 1.59 4.96 -27.90
C ALA F 11 0.34 4.18 -27.51
N GLU F 12 -0.82 4.72 -27.90
CA GLU F 12 -2.11 4.10 -27.61
C GLU F 12 -2.12 2.64 -28.04
N ALA F 13 -2.81 1.80 -27.27
CA ALA F 13 -2.91 0.39 -27.59
C ALA F 13 -3.69 0.20 -28.89
N GLN F 14 -3.38 -0.86 -29.63
CA GLN F 14 -4.06 -1.17 -30.88
C GLN F 14 -5.56 -1.28 -30.62
N LYS F 15 -6.32 -0.37 -31.21
CA LYS F 15 -7.77 -0.36 -31.03
C LYS F 15 -8.47 -0.51 -32.37
N THR F 16 -9.56 -1.27 -32.37
CA THR F 16 -10.31 -1.49 -33.60
C THR F 16 -10.84 -0.18 -34.18
N GLY F 17 -10.63 0.02 -35.47
CA GLY F 17 -11.09 1.24 -36.11
C GLY F 17 -9.98 2.22 -36.43
N ILE F 18 -9.03 2.37 -35.51
CA ILE F 18 -7.91 3.28 -35.72
C ILE F 18 -6.74 2.57 -36.37
N LYS F 19 -6.19 3.20 -37.41
CA LYS F 19 -5.06 2.62 -38.12
C LYS F 19 -3.78 2.71 -37.28
N ASP F 20 -2.94 1.70 -37.42
CA ASP F 20 -1.70 1.65 -36.66
C ASP F 20 -0.86 2.91 -36.77
N GLU F 21 -0.67 3.39 -37.99
CA GLU F 21 0.13 4.58 -38.23
C GLU F 21 -0.47 5.84 -37.61
N GLU F 22 -1.73 5.74 -37.18
CA GLU F 22 -2.43 6.86 -36.58
C GLU F 22 -2.32 6.91 -35.06
N ARG F 23 -1.95 5.79 -34.46
CA ARG F 23 -1.82 5.70 -33.00
C ARG F 23 -0.95 6.82 -32.43
N GLU F 24 -1.48 7.52 -31.43
CA GLU F 24 -0.77 8.64 -30.82
C GLU F 24 -0.15 8.29 -29.47
N LEU F 25 0.80 9.11 -29.03
CA LEU F 25 1.44 8.87 -27.75
C LEU F 25 0.39 8.98 -26.65
N THR F 26 0.48 8.12 -25.65
CA THR F 26 -0.46 8.16 -24.52
C THR F 26 0.09 9.22 -23.59
N GLN F 27 -0.65 9.54 -22.53
CA GLN F 27 -0.18 10.55 -21.61
C GLN F 27 1.12 10.15 -20.92
N GLU F 28 1.24 8.90 -20.51
CA GLU F 28 2.48 8.49 -19.85
C GLU F 28 3.61 8.40 -20.88
N GLY F 29 3.26 8.09 -22.12
CA GLY F 29 4.26 8.01 -23.17
C GLY F 29 4.88 9.38 -23.42
N LYS F 30 4.07 10.42 -23.34
CA LYS F 30 4.54 11.77 -23.53
C LYS F 30 5.39 12.18 -22.33
N GLN F 31 4.88 11.91 -21.12
CA GLN F 31 5.58 12.25 -19.89
C GLN F 31 6.94 11.57 -19.86
N LYS F 32 6.97 10.27 -20.11
CA LYS F 32 8.20 9.51 -20.10
C LYS F 32 9.19 10.06 -21.13
N THR F 33 8.69 10.45 -22.30
CA THR F 33 9.56 10.98 -23.34
C THR F 33 10.08 12.35 -22.92
N GLU F 34 9.25 13.14 -22.27
CA GLU F 34 9.66 14.46 -21.82
C GLU F 34 10.76 14.32 -20.76
N LYS F 35 10.64 13.32 -19.90
CA LYS F 35 11.63 13.08 -18.85
C LYS F 35 12.97 12.67 -19.45
N VAL F 36 12.92 11.88 -20.52
CA VAL F 36 14.14 11.46 -21.21
C VAL F 36 14.79 12.67 -21.89
N ALA F 37 14.00 13.48 -22.57
CA ALA F 37 14.54 14.66 -23.25
C ALA F 37 15.19 15.63 -22.27
N TYR F 38 14.53 15.82 -21.13
CA TYR F 38 15.04 16.71 -20.11
C TYR F 38 16.39 16.23 -19.60
N ARG F 39 16.50 14.93 -19.36
CA ARG F 39 17.76 14.37 -18.88
C ARG F 39 18.87 14.52 -19.92
N LEU F 40 18.56 14.25 -21.18
CA LEU F 40 19.57 14.37 -22.24
C LEU F 40 20.09 15.81 -22.31
N VAL F 41 19.17 16.76 -22.16
CA VAL F 41 19.56 18.16 -22.20
C VAL F 41 20.50 18.42 -21.02
N LYS F 42 20.10 17.93 -19.85
CA LYS F 42 20.91 18.09 -18.63
C LYS F 42 22.30 17.53 -18.86
N LEU F 43 22.40 16.52 -19.72
CA LEU F 43 23.68 15.89 -20.04
C LEU F 43 24.42 16.65 -21.14
N GLY F 44 23.89 17.79 -21.53
CA GLY F 44 24.53 18.59 -22.56
C GLY F 44 24.51 17.97 -23.94
N ARG F 45 23.57 17.07 -24.17
CA ARG F 45 23.46 16.42 -25.48
C ARG F 45 22.68 17.33 -26.42
N GLN F 46 22.98 17.22 -27.72
CA GLN F 46 22.28 18.00 -28.74
C GLN F 46 22.47 17.29 -30.06
N PHE F 47 21.58 17.53 -31.01
CA PHE F 47 21.66 16.91 -32.33
C PHE F 47 21.58 18.01 -33.38
N ASP F 48 22.37 17.87 -34.43
CA ASP F 48 22.33 18.88 -35.48
C ASP F 48 20.98 18.76 -36.20
N LEU F 49 20.46 17.54 -36.29
CA LEU F 49 19.20 17.28 -36.95
C LEU F 49 18.53 16.03 -36.39
N ILE F 50 17.21 16.07 -36.34
CA ILE F 50 16.45 14.92 -35.88
C ILE F 50 15.63 14.49 -37.10
N VAL F 51 15.74 13.21 -37.45
CA VAL F 51 15.02 12.66 -38.58
C VAL F 51 14.01 11.69 -37.96
N THR F 52 12.75 11.75 -38.39
CA THR F 52 11.75 10.85 -37.82
C THR F 52 10.91 10.08 -38.81
N SER F 53 10.40 8.96 -38.35
CA SER F 53 9.50 8.13 -39.13
C SER F 53 8.25 8.99 -39.28
N PRO F 54 7.53 8.84 -40.39
CA PRO F 54 6.30 9.61 -40.62
C PRO F 54 5.14 9.19 -39.72
N LEU F 55 5.22 8.01 -39.09
CA LEU F 55 4.13 7.58 -38.21
C LEU F 55 3.96 8.56 -37.07
N ILE F 56 2.71 8.88 -36.74
CA ILE F 56 2.40 9.85 -35.71
C ILE F 56 3.13 9.67 -34.38
N ARG F 57 3.13 8.46 -33.85
CA ARG F 57 3.79 8.23 -32.58
C ARG F 57 5.28 8.58 -32.61
N ALA F 58 5.93 8.42 -33.76
CA ALA F 58 7.34 8.76 -33.87
C ALA F 58 7.49 10.28 -33.97
N ARG F 59 6.69 10.88 -34.84
CA ARG F 59 6.73 12.32 -35.06
C ARG F 59 6.48 13.05 -33.74
N GLN F 60 5.52 12.57 -32.96
CA GLN F 60 5.25 13.22 -31.68
C GLN F 60 6.43 13.05 -30.73
N THR F 61 7.17 11.96 -30.88
CA THR F 61 8.32 11.76 -30.02
C THR F 61 9.37 12.78 -30.44
N ALA F 62 9.57 12.94 -31.75
CA ALA F 62 10.54 13.91 -32.25
C ALA F 62 10.18 15.32 -31.76
N GLU F 63 8.90 15.67 -31.80
CA GLU F 63 8.47 17.00 -31.36
C GLU F 63 8.85 17.29 -29.91
N ILE F 64 8.71 16.30 -29.04
CA ILE F 64 9.06 16.45 -27.63
C ILE F 64 10.57 16.69 -27.49
N LEU F 65 11.36 15.96 -28.27
CA LEU F 65 12.81 16.13 -28.24
C LEU F 65 13.17 17.56 -28.65
N LEU F 66 12.51 18.05 -29.69
CA LEU F 66 12.74 19.42 -30.18
C LEU F 66 12.33 20.45 -29.11
N ALA F 67 11.13 20.28 -28.57
CA ALA F 67 10.64 21.18 -27.53
C ALA F 67 11.59 21.27 -26.34
N SER F 68 12.34 20.20 -26.07
CA SER F 68 13.29 20.20 -24.94
C SER F 68 14.55 20.96 -25.31
N GLY F 69 14.69 21.30 -26.58
CA GLY F 69 15.86 22.02 -27.05
C GLY F 69 17.02 21.16 -27.54
N LEU F 70 16.80 19.86 -27.68
CA LEU F 70 17.86 18.95 -28.13
C LEU F 70 18.34 19.24 -29.55
N SER F 71 17.46 19.80 -30.37
CA SER F 71 17.78 20.14 -31.74
C SER F 71 16.85 21.27 -32.18
N CYS F 72 17.15 21.87 -33.33
CA CYS F 72 16.35 22.97 -33.87
C CYS F 72 15.96 22.66 -35.31
N GLN F 73 16.32 21.46 -35.78
CA GLN F 73 16.00 21.06 -37.16
C GLN F 73 15.34 19.67 -37.17
N LEU F 74 14.32 19.51 -37.98
CA LEU F 74 13.60 18.25 -38.09
C LEU F 74 13.34 17.87 -39.54
N GLU F 75 13.33 16.57 -39.79
CA GLU F 75 13.08 16.07 -41.12
C GLU F 75 12.41 14.70 -41.01
N GLU F 76 11.46 14.40 -41.89
CA GLU F 76 10.83 13.09 -41.85
C GLU F 76 11.35 12.29 -43.03
N SER F 77 11.37 10.97 -42.88
CA SER F 77 11.84 10.10 -43.94
C SER F 77 11.17 8.73 -43.89
N ASN F 78 10.70 8.26 -45.04
CA ASN F 78 10.04 6.96 -45.10
C ASN F 78 11.02 5.82 -44.86
N HIS F 79 12.32 6.12 -44.89
CA HIS F 79 13.34 5.11 -44.62
C HIS F 79 13.19 4.61 -43.18
N LEU F 80 12.63 5.46 -42.33
CA LEU F 80 12.44 5.13 -40.90
C LEU F 80 11.10 4.49 -40.58
N ALA F 81 10.26 4.34 -41.60
CA ALA F 81 8.97 3.71 -41.39
C ALA F 81 9.28 2.25 -41.07
N PRO F 82 8.31 1.52 -40.51
CA PRO F 82 8.52 0.11 -40.18
C PRO F 82 9.02 -0.76 -41.33
N ASN F 83 8.64 -0.42 -42.56
CA ASN F 83 9.07 -1.19 -43.73
C ASN F 83 10.33 -0.68 -44.43
N GLY F 84 11.09 0.20 -43.77
CA GLY F 84 12.28 0.72 -44.41
C GLY F 84 13.47 -0.21 -44.23
N ASN F 85 14.50 -0.03 -45.05
CA ASN F 85 15.69 -0.86 -44.90
C ASN F 85 16.93 0.01 -44.85
N ILE F 86 17.81 -0.33 -43.92
CA ILE F 86 19.03 0.42 -43.70
C ILE F 86 19.90 0.63 -44.94
N PHE F 87 19.94 -0.35 -45.84
CA PHE F 87 20.77 -0.23 -47.03
C PHE F 87 20.34 0.94 -47.92
N ASN F 88 19.04 1.08 -48.16
CA ASN F 88 18.56 2.19 -48.97
C ASN F 88 18.81 3.52 -48.23
N TRP F 89 18.64 3.49 -46.90
CA TRP F 89 18.85 4.69 -46.09
C TRP F 89 20.30 5.13 -46.15
N LEU F 90 21.20 4.15 -46.05
CA LEU F 90 22.62 4.42 -46.10
C LEU F 90 23.04 4.95 -47.46
N ASP F 91 22.58 4.28 -48.52
CA ASP F 91 22.98 4.72 -49.85
C ASP F 91 22.23 5.90 -50.46
N TYR F 92 20.96 6.06 -50.11
CA TYR F 92 20.18 7.13 -50.72
C TYR F 92 19.79 8.29 -49.82
N TRP F 93 20.14 8.21 -48.55
CA TRP F 93 19.84 9.29 -47.63
C TRP F 93 21.09 9.79 -46.91
N LEU F 94 21.77 8.90 -46.20
CA LEU F 94 22.98 9.30 -45.47
C LEU F 94 24.11 9.77 -46.38
N LYS F 95 24.45 8.95 -47.39
CA LYS F 95 25.53 9.30 -48.32
C LYS F 95 25.26 10.66 -48.98
N PRO F 96 24.07 10.88 -49.54
CA PRO F 96 23.79 12.17 -50.17
C PRO F 96 23.94 13.35 -49.20
N LYS F 97 23.44 13.21 -47.98
CA LYS F 97 23.56 14.27 -46.99
C LYS F 97 24.99 14.77 -46.86
N ASN F 98 25.94 13.85 -46.96
CA ASN F 98 27.36 14.16 -46.86
C ASN F 98 27.66 15.01 -45.62
N PHE F 99 27.28 14.49 -44.46
CA PHE F 99 27.47 15.17 -43.18
C PHE F 99 28.95 15.31 -42.79
N PRO F 100 29.28 16.37 -42.04
CA PRO F 100 30.68 16.55 -41.63
C PRO F 100 31.03 15.45 -40.62
N GLU F 101 32.33 15.20 -40.45
CA GLU F 101 32.82 14.17 -39.54
C GLU F 101 32.37 14.32 -38.10
N ASN F 102 32.13 15.55 -37.67
CA ASN F 102 31.71 15.80 -36.30
C ASN F 102 30.20 15.92 -36.12
N ALA F 103 29.44 15.51 -37.13
CA ALA F 103 27.98 15.63 -37.03
C ALA F 103 27.37 14.69 -36.00
N GLN F 104 26.25 15.14 -35.42
CA GLN F 104 25.52 14.34 -34.45
C GLN F 104 24.10 14.32 -34.98
N ILE F 105 23.67 13.15 -35.43
CA ILE F 105 22.36 12.97 -36.02
C ILE F 105 21.52 11.99 -35.21
N ALA F 106 20.23 12.28 -35.04
CA ALA F 106 19.33 11.39 -34.32
C ALA F 106 18.21 10.96 -35.26
N ILE F 107 17.80 9.70 -35.13
CA ILE F 107 16.69 9.18 -35.92
C ILE F 107 15.69 8.55 -34.97
N VAL F 108 14.43 8.91 -35.15
CA VAL F 108 13.36 8.43 -34.31
C VAL F 108 12.56 7.39 -35.08
N GLY F 109 12.51 6.16 -34.56
CA GLY F 109 11.80 5.12 -35.29
C GLY F 109 11.11 4.00 -34.52
N HIS F 110 11.15 2.82 -35.14
CA HIS F 110 10.48 1.65 -34.60
C HIS F 110 11.33 0.39 -34.46
N GLU F 111 10.81 -0.54 -33.67
CA GLU F 111 11.45 -1.84 -33.45
C GLU F 111 10.72 -2.80 -34.37
N PRO F 112 11.41 -3.85 -34.82
CA PRO F 112 12.81 -4.16 -34.53
C PRO F 112 13.79 -3.43 -35.46
N CYS F 113 13.26 -2.51 -36.27
CA CYS F 113 14.10 -1.76 -37.22
C CYS F 113 15.35 -1.14 -36.60
N LEU F 114 15.16 -0.29 -35.59
CA LEU F 114 16.28 0.39 -34.97
C LEU F 114 17.36 -0.54 -34.40
N SER F 115 16.95 -1.55 -33.64
CA SER F 115 17.94 -2.45 -33.05
C SER F 115 18.60 -3.33 -34.11
N ASN F 116 17.82 -3.72 -35.13
CA ASN F 116 18.40 -4.54 -36.19
C ASN F 116 19.37 -3.69 -37.01
N TRP F 117 19.01 -2.43 -37.25
CA TRP F 117 19.88 -1.54 -37.98
C TRP F 117 21.20 -1.45 -37.23
N THR F 118 21.11 -1.27 -35.91
CA THR F 118 22.29 -1.18 -35.06
C THR F 118 23.13 -2.46 -35.16
N GLU F 119 22.47 -3.61 -35.12
CA GLU F 119 23.22 -4.87 -35.21
C GLU F 119 23.96 -4.97 -36.54
N ILE F 120 23.32 -4.50 -37.62
CA ILE F 120 23.95 -4.55 -38.92
C ILE F 120 25.16 -3.61 -38.95
N LEU F 121 25.02 -2.44 -38.36
CA LEU F 121 26.12 -1.48 -38.31
C LEU F 121 27.27 -1.96 -37.45
N LEU F 122 26.96 -2.72 -36.41
CA LEU F 122 28.01 -3.22 -35.52
C LEU F 122 28.58 -4.58 -35.91
N TRP F 123 27.70 -5.55 -36.14
CA TRP F 123 28.07 -6.93 -36.47
C TRP F 123 27.99 -7.24 -37.96
N GLY F 124 27.09 -6.56 -38.66
CA GLY F 124 26.94 -6.77 -40.09
C GLY F 124 25.72 -7.62 -40.41
N GLU F 125 24.97 -8.00 -39.38
CA GLU F 125 23.79 -8.84 -39.58
C GLU F 125 22.86 -8.71 -38.38
N ALA F 126 21.55 -8.82 -38.61
CA ALA F 126 20.61 -8.71 -37.51
C ALA F 126 20.52 -10.04 -36.75
N LYS F 127 20.25 -9.96 -35.45
CA LYS F 127 20.14 -11.15 -34.62
C LYS F 127 19.21 -10.95 -33.41
N ASP F 128 18.62 -9.77 -33.31
CA ASP F 128 17.73 -9.43 -32.21
C ASP F 128 18.37 -9.72 -30.85
N SER F 129 19.60 -9.22 -30.69
CA SER F 129 20.34 -9.40 -29.44
C SER F 129 20.32 -8.15 -28.58
N LEU F 130 19.66 -7.11 -29.06
CA LEU F 130 19.59 -5.86 -28.32
C LEU F 130 18.17 -5.52 -27.89
N VAL F 131 18.02 -5.06 -26.65
CA VAL F 131 16.72 -4.69 -26.12
C VAL F 131 16.61 -3.15 -26.12
N LEU F 132 15.74 -2.62 -26.98
CA LEU F 132 15.53 -1.17 -27.08
C LEU F 132 14.10 -0.86 -26.65
N LYS F 133 13.96 -0.17 -25.53
CA LYS F 133 12.63 0.17 -25.01
C LYS F 133 12.12 1.45 -25.65
N LYS F 134 10.82 1.67 -25.53
CA LYS F 134 10.18 2.87 -26.06
C LYS F 134 10.76 4.06 -25.31
N ALA F 135 11.19 5.07 -26.06
CA ALA F 135 11.82 6.30 -25.55
C ALA F 135 13.25 5.96 -25.16
N GLY F 136 13.68 4.75 -25.51
CA GLY F 136 15.04 4.30 -25.24
C GLY F 136 15.95 4.80 -26.34
N MSE F 137 17.26 4.74 -26.14
CA MSE F 137 18.18 5.26 -27.14
C MSE F 137 19.49 4.53 -27.24
O MSE F 137 19.99 3.94 -26.27
CB MSE F 137 18.45 6.75 -26.88
CG MSE F 137 19.44 7.44 -27.85
SE MSE F 137 19.71 9.36 -27.45
CE MSE F 137 19.29 10.18 -29.14
N ILE F 138 20.04 4.56 -28.44
CA ILE F 138 21.32 3.93 -28.74
C ILE F 138 22.23 4.99 -29.35
N GLY F 139 23.49 4.98 -28.93
CA GLY F 139 24.46 5.92 -29.46
C GLY F 139 25.57 5.21 -30.19
N LEU F 140 25.73 5.52 -31.48
CA LEU F 140 26.75 4.89 -32.32
C LEU F 140 27.75 5.87 -32.92
N LYS F 141 28.94 5.36 -33.20
CA LYS F 141 29.98 6.15 -33.82
C LYS F 141 30.23 5.48 -35.17
N LEU F 142 30.06 6.23 -36.25
CA LEU F 142 30.25 5.70 -37.60
C LEU F 142 31.65 6.02 -38.14
N PRO F 143 32.28 5.06 -38.84
CA PRO F 143 33.62 5.22 -39.42
C PRO F 143 33.66 6.42 -40.35
N GLU F 144 34.76 7.16 -40.33
CA GLU F 144 34.91 8.33 -41.20
C GLU F 144 34.91 7.92 -42.68
N ILE F 145 35.58 6.82 -43.00
CA ILE F 145 35.64 6.34 -44.38
C ILE F 145 35.07 4.94 -44.53
N GLY F 146 34.53 4.65 -45.70
CA GLY F 146 33.97 3.34 -45.98
C GLY F 146 32.54 3.14 -45.50
N SER F 147 32.02 1.94 -45.70
CA SER F 147 30.68 1.61 -45.28
C SER F 147 30.63 1.39 -43.78
N PRO F 148 29.60 1.93 -43.12
CA PRO F 148 29.51 1.75 -41.66
C PRO F 148 29.01 0.33 -41.31
N VAL F 149 28.61 -0.42 -42.34
CA VAL F 149 28.12 -1.79 -42.16
C VAL F 149 29.18 -2.70 -41.53
N GLY F 150 28.83 -3.28 -40.39
CA GLY F 150 29.74 -4.18 -39.69
C GLY F 150 31.03 -3.52 -39.28
N ARG F 151 31.04 -2.19 -39.28
CA ARG F 151 32.26 -1.46 -38.93
C ARG F 151 32.03 -0.28 -37.99
N SER F 152 30.84 -0.19 -37.41
CA SER F 152 30.55 0.91 -36.50
C SER F 152 30.81 0.53 -35.05
N GLN F 153 30.72 1.51 -34.17
CA GLN F 153 30.94 1.28 -32.74
C GLN F 153 29.80 1.81 -31.90
N MSE F 154 29.44 1.09 -30.85
CA MSE F 154 28.37 1.53 -29.96
C MSE F 154 28.97 1.98 -28.63
O MSE F 154 29.77 1.26 -28.02
CB MSE F 154 27.38 0.41 -29.70
CG MSE F 154 26.25 0.82 -28.77
SE MSE F 154 25.09 -0.66 -28.31
CE MSE F 154 23.89 -0.56 -29.70
N PHE F 155 28.59 3.17 -28.18
CA PHE F 155 29.11 3.69 -26.91
C PHE F 155 28.01 3.95 -25.90
N TRP F 156 26.75 3.76 -26.29
CA TRP F 156 25.64 4.01 -25.37
C TRP F 156 24.39 3.21 -25.72
N LEU F 157 23.76 2.60 -24.71
CA LEU F 157 22.53 1.84 -24.92
C LEU F 157 21.76 1.94 -23.62
N THR F 158 20.61 2.59 -23.65
CA THR F 158 19.87 2.74 -22.39
C THR F 158 18.37 2.81 -22.48
N PRO F 159 17.69 2.26 -21.45
CA PRO F 159 16.22 2.28 -21.39
C PRO F 159 15.91 3.57 -20.62
N PRO F 160 14.69 4.08 -20.70
CA PRO F 160 14.32 5.31 -20.00
C PRO F 160 14.52 5.25 -18.49
N ARG F 161 14.14 4.13 -17.88
CA ARG F 161 14.26 3.99 -16.43
C ARG F 161 15.66 4.28 -15.89
N TYR F 162 16.71 4.05 -16.69
CA TYR F 162 18.05 4.32 -16.19
C TYR F 162 18.53 5.74 -16.43
N LEU F 163 17.62 6.63 -16.83
CA LEU F 163 17.96 8.03 -17.04
C LEU F 163 17.26 8.88 -15.98
N LEU F 164 16.48 8.21 -15.12
CA LEU F 164 15.74 8.88 -14.04
C LEU F 164 16.65 9.02 -12.83
N LEU F 165 16.28 9.89 -11.90
CA LEU F 165 17.10 10.08 -10.71
C LEU F 165 16.89 8.94 -9.71
N GLU F 166 15.79 8.21 -9.88
CA GLU F 166 15.48 7.10 -8.99
C GLU F 166 14.70 6.01 -9.71
N HIS F 167 14.95 4.76 -9.33
CA HIS F 167 14.27 3.61 -9.92
C HIS F 167 14.12 2.49 -8.91
P PO4 G . -16.28 -2.00 26.96
O1 PO4 G . -15.05 -2.28 26.19
O2 PO4 G . -17.42 -2.75 26.38
O3 PO4 G . -16.07 -2.41 28.37
O4 PO4 G . -16.56 -0.54 26.91
CL CL H . -28.50 3.96 21.49
P PO4 I . -37.73 -14.51 -1.32
O1 PO4 I . -36.59 -15.20 -2.00
O2 PO4 I . -37.18 -13.57 -0.29
O3 PO4 I . -38.50 -13.73 -2.32
O4 PO4 I . -38.60 -15.50 -0.67
CL CL J . -41.09 -11.93 12.93
P PO4 K . -12.67 15.46 10.36
O1 PO4 K . -13.49 14.47 9.65
O2 PO4 K . -11.22 15.19 10.11
O3 PO4 K . -13.02 16.83 9.87
O4 PO4 K . -12.94 15.38 11.82
CL CL L . -1.60 13.26 19.76
P PO4 M . 18.64 -5.09 6.66
O1 PO4 M . 18.13 -5.92 5.54
O2 PO4 M . 17.51 -4.42 7.36
O3 PO4 M . 19.40 -5.95 7.60
O4 PO4 M . 19.56 -4.04 6.11
CL CL N . 16.90 9.30 9.31
P PO4 O . 42.20 -2.37 -18.76
O1 PO4 O . 42.75 -3.16 -19.89
O2 PO4 O . 40.71 -2.44 -18.77
O3 PO4 O . 42.70 -2.94 -17.48
O4 PO4 O . 42.63 -0.95 -18.89
CL CL P . 32.96 8.75 -19.22
P PO4 Q . 7.17 -0.36 -32.62
O1 PO4 Q . 7.36 -1.72 -33.17
O2 PO4 Q . 8.49 0.22 -32.23
O3 PO4 Q . 6.53 0.50 -33.65
O4 PO4 Q . 6.28 -0.43 -31.41
CL CL R . 12.16 1.57 -19.07
#